data_5DMA
# 
_entry.id   5DMA 
# 
_audit_conform.dict_name       mmcif_pdbx.dic 
_audit_conform.dict_version    5.391 
_audit_conform.dict_location   http://mmcif.pdb.org/dictionaries/ascii/mmcif_pdbx.dic 
# 
loop_
_database_2.database_id 
_database_2.database_code 
_database_2.pdbx_database_accession 
_database_2.pdbx_DOI 
PDB   5DMA         pdb_00005dma 10.2210/pdb5dma/pdb 
WWPDB D_1000212890 ?            ?                   
# 
loop_
_pdbx_audit_revision_history.ordinal 
_pdbx_audit_revision_history.data_content_type 
_pdbx_audit_revision_history.major_revision 
_pdbx_audit_revision_history.minor_revision 
_pdbx_audit_revision_history.revision_date 
1 'Structure model' 1 0 2016-09-28 
2 'Structure model' 1 1 2016-10-19 
3 'Structure model' 1 2 2017-03-01 
4 'Structure model' 1 3 2017-05-03 
5 'Structure model' 1 4 2017-08-30 
6 'Structure model' 1 5 2024-05-08 
# 
_pdbx_audit_revision_details.ordinal             1 
_pdbx_audit_revision_details.revision_ordinal    1 
_pdbx_audit_revision_details.data_content_type   'Structure model' 
_pdbx_audit_revision_details.provider            repository 
_pdbx_audit_revision_details.type                'Initial release' 
_pdbx_audit_revision_details.description         ? 
_pdbx_audit_revision_details.details             ? 
# 
loop_
_pdbx_audit_revision_group.ordinal 
_pdbx_audit_revision_group.revision_ordinal 
_pdbx_audit_revision_group.data_content_type 
_pdbx_audit_revision_group.group 
1 2 'Structure model' 'Data collection'            
2 3 'Structure model' 'Database references'        
3 4 'Structure model' 'Database references'        
4 5 'Structure model' 'Author supporting evidence' 
5 6 'Structure model' 'Data collection'            
6 6 'Structure model' 'Database references'        
# 
loop_
_pdbx_audit_revision_category.ordinal 
_pdbx_audit_revision_category.revision_ordinal 
_pdbx_audit_revision_category.data_content_type 
_pdbx_audit_revision_category.category 
1 5 'Structure model' pdbx_audit_support 
2 6 'Structure model' chem_comp_atom     
3 6 'Structure model' chem_comp_bond     
4 6 'Structure model' database_2         
# 
loop_
_pdbx_audit_revision_item.ordinal 
_pdbx_audit_revision_item.revision_ordinal 
_pdbx_audit_revision_item.data_content_type 
_pdbx_audit_revision_item.item 
1 5 'Structure model' '_pdbx_audit_support.funding_organization' 
2 6 'Structure model' '_database_2.pdbx_DOI'                     
3 6 'Structure model' '_database_2.pdbx_database_accession'      
# 
_pdbx_database_status.status_code                     REL 
_pdbx_database_status.status_code_sf                  REL 
_pdbx_database_status.status_code_mr                  ? 
_pdbx_database_status.entry_id                        5DMA 
_pdbx_database_status.recvd_initial_deposition_date   2015-09-08 
_pdbx_database_status.SG_entry                        N 
_pdbx_database_status.deposit_site                    RCSB 
_pdbx_database_status.process_site                    PDBE 
_pdbx_database_status.status_code_cs                  ? 
_pdbx_database_status.methods_development_category    ? 
_pdbx_database_status.pdb_format_compatible           Y 
_pdbx_database_status.status_code_nmr_data            ? 
# 
loop_
_audit_author.name 
_audit_author.pdbx_ordinal 
'Lin, C.L.'      1 
'Dillingham, M.' 2 
'Wigley, D.'     3 
# 
_citation.abstract                  ? 
_citation.abstract_id_CAS           ? 
_citation.book_id_ISBN              ? 
_citation.book_publisher            ? 
_citation.book_publisher_city       ? 
_citation.book_title                ? 
_citation.coordinate_linkage        ? 
_citation.country                   UK 
_citation.database_id_Medline       ? 
_citation.details                   ? 
_citation.id                        primary 
_citation.journal_abbrev            'Nucleic Acids Res.' 
_citation.journal_id_ASTM           NARHAD 
_citation.journal_id_CSD            0389 
_citation.journal_id_ISSN           1362-4962 
_citation.journal_full              ? 
_citation.journal_issue             ? 
_citation.journal_volume            45 
_citation.language                  ? 
_citation.page_first                3875 
_citation.page_last                 3887 
_citation.title                     'The structure and function of an RNA polymerase interaction domain in the PcrA/UvrD helicase.' 
_citation.year                      2017 
_citation.database_id_CSD           ? 
_citation.pdbx_database_id_DOI      10.1093/nar/gkx074 
_citation.pdbx_database_id_PubMed   28160601 
_citation.unpublished_flag          ? 
# 
loop_
_citation_author.citation_id 
_citation_author.name 
_citation_author.ordinal 
_citation_author.identifier_ORCID 
primary 'Sanders, K.'      1  ? 
primary 'Lin, C.L.'        2  ? 
primary 'Smith, A.J.'      3  ? 
primary 'Cronin, N.'       4  ? 
primary 'Fisher, G.'       5  ? 
primary 'Eftychidis, V.'   6  ? 
primary 'McGlynn, P.'      7  ? 
primary 'Savery, N.J.'     8  ? 
primary 'Wigley, D.B.'     9  ? 
primary 'Dillingham, M.S.' 10 ? 
# 
loop_
_entity.id 
_entity.type 
_entity.src_method 
_entity.pdbx_description 
_entity.formula_weight 
_entity.pdbx_number_of_molecules 
_entity.pdbx_ec 
_entity.pdbx_mutation 
_entity.pdbx_fragment 
_entity.details 
1 polymer man 'ATP-dependent DNA helicase PcrA' 5977.875 1  3.6.4.12 ? 'C-terminal tudor domain, UNP residues 671-724' ? 
2 water   nat water                             18.015   65 ?        ? ?                                               ? 
# 
_entity_poly.entity_id                      1 
_entity_poly.type                           'polypeptide(L)' 
_entity_poly.nstd_linkage                   no 
_entity_poly.nstd_monomer                   no 
_entity_poly.pdbx_seq_one_letter_code       PGGGWKVGDRANHRKWGIGTVVSVRGGGDDQELDIAFPSPIGIKRLLAKFAPIEKV 
_entity_poly.pdbx_seq_one_letter_code_can   PGGGWKVGDRANHRKWGIGTVVSVRGGGDDQELDIAFPSPIGIKRLLAKFAPIEKV 
_entity_poly.pdbx_strand_id                 A 
_entity_poly.pdbx_target_identifier         ? 
# 
_pdbx_entity_nonpoly.entity_id   2 
_pdbx_entity_nonpoly.name        water 
_pdbx_entity_nonpoly.comp_id     HOH 
# 
loop_
_entity_poly_seq.entity_id 
_entity_poly_seq.num 
_entity_poly_seq.mon_id 
_entity_poly_seq.hetero 
1 1  PRO n 
1 2  GLY n 
1 3  GLY n 
1 4  GLY n 
1 5  TRP n 
1 6  LYS n 
1 7  VAL n 
1 8  GLY n 
1 9  ASP n 
1 10 ARG n 
1 11 ALA n 
1 12 ASN n 
1 13 HIS n 
1 14 ARG n 
1 15 LYS n 
1 16 TRP n 
1 17 GLY n 
1 18 ILE n 
1 19 GLY n 
1 20 THR n 
1 21 VAL n 
1 22 VAL n 
1 23 SER n 
1 24 VAL n 
1 25 ARG n 
1 26 GLY n 
1 27 GLY n 
1 28 GLY n 
1 29 ASP n 
1 30 ASP n 
1 31 GLN n 
1 32 GLU n 
1 33 LEU n 
1 34 ASP n 
1 35 ILE n 
1 36 ALA n 
1 37 PHE n 
1 38 PRO n 
1 39 SER n 
1 40 PRO n 
1 41 ILE n 
1 42 GLY n 
1 43 ILE n 
1 44 LYS n 
1 45 ARG n 
1 46 LEU n 
1 47 LEU n 
1 48 ALA n 
1 49 LYS n 
1 50 PHE n 
1 51 ALA n 
1 52 PRO n 
1 53 ILE n 
1 54 GLU n 
1 55 LYS n 
1 56 VAL n 
# 
_entity_src_gen.entity_id                          1 
_entity_src_gen.pdbx_src_id                        1 
_entity_src_gen.pdbx_alt_source_flag               sample 
_entity_src_gen.pdbx_seq_type                      'Biological sequence' 
_entity_src_gen.pdbx_beg_seq_num                   1 
_entity_src_gen.pdbx_end_seq_num                   56 
_entity_src_gen.gene_src_common_name               ? 
_entity_src_gen.gene_src_genus                     ? 
_entity_src_gen.pdbx_gene_src_gene                 pcrA 
_entity_src_gen.gene_src_species                   ? 
_entity_src_gen.gene_src_strain                    ? 
_entity_src_gen.gene_src_tissue                    ? 
_entity_src_gen.gene_src_tissue_fraction           ? 
_entity_src_gen.gene_src_details                   ? 
_entity_src_gen.pdbx_gene_src_fragment             ? 
_entity_src_gen.pdbx_gene_src_scientific_name      'Geobacillus stearothermophilus' 
_entity_src_gen.pdbx_gene_src_ncbi_taxonomy_id     1422 
_entity_src_gen.pdbx_gene_src_variant              ? 
_entity_src_gen.pdbx_gene_src_cell_line            ? 
_entity_src_gen.pdbx_gene_src_atcc                 ? 
_entity_src_gen.pdbx_gene_src_organ                ? 
_entity_src_gen.pdbx_gene_src_organelle            ? 
_entity_src_gen.pdbx_gene_src_cell                 ? 
_entity_src_gen.pdbx_gene_src_cellular_location    ? 
_entity_src_gen.host_org_common_name               ? 
_entity_src_gen.pdbx_host_org_scientific_name      'Escherichia coli' 
_entity_src_gen.pdbx_host_org_ncbi_taxonomy_id     562 
_entity_src_gen.host_org_genus                     ? 
_entity_src_gen.pdbx_host_org_gene                 ? 
_entity_src_gen.pdbx_host_org_organ                ? 
_entity_src_gen.host_org_species                   ? 
_entity_src_gen.pdbx_host_org_tissue               ? 
_entity_src_gen.pdbx_host_org_tissue_fraction      ? 
_entity_src_gen.pdbx_host_org_strain               ? 
_entity_src_gen.pdbx_host_org_variant              ? 
_entity_src_gen.pdbx_host_org_cell_line            ? 
_entity_src_gen.pdbx_host_org_atcc                 ? 
_entity_src_gen.pdbx_host_org_culture_collection   ? 
_entity_src_gen.pdbx_host_org_cell                 ? 
_entity_src_gen.pdbx_host_org_organelle            ? 
_entity_src_gen.pdbx_host_org_cellular_location    ? 
_entity_src_gen.pdbx_host_org_vector_type          ? 
_entity_src_gen.pdbx_host_org_vector               ? 
_entity_src_gen.host_org_details                   ? 
_entity_src_gen.expression_system_id               ? 
_entity_src_gen.plasmid_name                       pET47b 
_entity_src_gen.plasmid_details                    ? 
_entity_src_gen.pdbx_description                   ? 
# 
loop_
_chem_comp.id 
_chem_comp.type 
_chem_comp.mon_nstd_flag 
_chem_comp.name 
_chem_comp.pdbx_synonyms 
_chem_comp.formula 
_chem_comp.formula_weight 
ALA 'L-peptide linking' y ALANINE         ? 'C3 H7 N O2'     89.093  
ARG 'L-peptide linking' y ARGININE        ? 'C6 H15 N4 O2 1' 175.209 
ASN 'L-peptide linking' y ASPARAGINE      ? 'C4 H8 N2 O3'    132.118 
ASP 'L-peptide linking' y 'ASPARTIC ACID' ? 'C4 H7 N O4'     133.103 
GLN 'L-peptide linking' y GLUTAMINE       ? 'C5 H10 N2 O3'   146.144 
GLU 'L-peptide linking' y 'GLUTAMIC ACID' ? 'C5 H9 N O4'     147.129 
GLY 'peptide linking'   y GLYCINE         ? 'C2 H5 N O2'     75.067  
HIS 'L-peptide linking' y HISTIDINE       ? 'C6 H10 N3 O2 1' 156.162 
HOH non-polymer         . WATER           ? 'H2 O'           18.015  
ILE 'L-peptide linking' y ISOLEUCINE      ? 'C6 H13 N O2'    131.173 
LEU 'L-peptide linking' y LEUCINE         ? 'C6 H13 N O2'    131.173 
LYS 'L-peptide linking' y LYSINE          ? 'C6 H15 N2 O2 1' 147.195 
PHE 'L-peptide linking' y PHENYLALANINE   ? 'C9 H11 N O2'    165.189 
PRO 'L-peptide linking' y PROLINE         ? 'C5 H9 N O2'     115.130 
SER 'L-peptide linking' y SERINE          ? 'C3 H7 N O3'     105.093 
THR 'L-peptide linking' y THREONINE       ? 'C4 H9 N O3'     119.119 
TRP 'L-peptide linking' y TRYPTOPHAN      ? 'C11 H12 N2 O2'  204.225 
VAL 'L-peptide linking' y VALINE          ? 'C5 H11 N O2'    117.146 
# 
loop_
_pdbx_poly_seq_scheme.asym_id 
_pdbx_poly_seq_scheme.entity_id 
_pdbx_poly_seq_scheme.seq_id 
_pdbx_poly_seq_scheme.mon_id 
_pdbx_poly_seq_scheme.ndb_seq_num 
_pdbx_poly_seq_scheme.pdb_seq_num 
_pdbx_poly_seq_scheme.auth_seq_num 
_pdbx_poly_seq_scheme.pdb_mon_id 
_pdbx_poly_seq_scheme.auth_mon_id 
_pdbx_poly_seq_scheme.pdb_strand_id 
_pdbx_poly_seq_scheme.pdb_ins_code 
_pdbx_poly_seq_scheme.hetero 
A 1 1  PRO 1  669 ?   ?   ?   A . n 
A 1 2  GLY 2  670 ?   ?   ?   A . n 
A 1 3  GLY 3  671 ?   ?   ?   A . n 
A 1 4  GLY 4  672 672 GLY GLY A . n 
A 1 5  TRP 5  673 673 TRP TRP A . n 
A 1 6  LYS 6  674 674 LYS LYS A . n 
A 1 7  VAL 7  675 675 VAL VAL A . n 
A 1 8  GLY 8  676 676 GLY GLY A . n 
A 1 9  ASP 9  677 677 ASP ASP A . n 
A 1 10 ARG 10 678 678 ARG ARG A . n 
A 1 11 ALA 11 679 679 ALA ALA A . n 
A 1 12 ASN 12 680 680 ASN ASN A . n 
A 1 13 HIS 13 681 681 HIS HIS A . n 
A 1 14 ARG 14 682 682 ARG ARG A . n 
A 1 15 LYS 15 683 683 LYS LYS A . n 
A 1 16 TRP 16 684 684 TRP TRP A . n 
A 1 17 GLY 17 685 685 GLY GLY A . n 
A 1 18 ILE 18 686 686 ILE ILE A . n 
A 1 19 GLY 19 687 687 GLY GLY A . n 
A 1 20 THR 20 688 688 THR THR A . n 
A 1 21 VAL 21 689 689 VAL VAL A . n 
A 1 22 VAL 22 690 690 VAL VAL A . n 
A 1 23 SER 23 691 691 SER SER A . n 
A 1 24 VAL 24 692 692 VAL VAL A . n 
A 1 25 ARG 25 693 693 ARG ARG A . n 
A 1 26 GLY 26 694 694 GLY GLY A . n 
A 1 27 GLY 27 695 695 GLY GLY A . n 
A 1 28 GLY 28 696 696 GLY GLY A . n 
A 1 29 ASP 29 697 697 ASP ASP A . n 
A 1 30 ASP 30 698 698 ASP ASP A . n 
A 1 31 GLN 31 699 699 GLN GLN A . n 
A 1 32 GLU 32 700 700 GLU GLU A . n 
A 1 33 LEU 33 701 701 LEU LEU A . n 
A 1 34 ASP 34 702 702 ASP ASP A . n 
A 1 35 ILE 35 703 703 ILE ILE A . n 
A 1 36 ALA 36 704 704 ALA ALA A . n 
A 1 37 PHE 37 705 705 PHE PHE A . n 
A 1 38 PRO 38 706 706 PRO PRO A . n 
A 1 39 SER 39 707 707 SER SER A . n 
A 1 40 PRO 40 708 708 PRO PRO A . n 
A 1 41 ILE 41 709 709 ILE ILE A . n 
A 1 42 GLY 42 710 710 GLY GLY A . n 
A 1 43 ILE 43 711 711 ILE ILE A . n 
A 1 44 LYS 44 712 712 LYS LYS A . n 
A 1 45 ARG 45 713 713 ARG ARG A . n 
A 1 46 LEU 46 714 714 LEU LEU A . n 
A 1 47 LEU 47 715 715 LEU LEU A . n 
A 1 48 ALA 48 716 716 ALA ALA A . n 
A 1 49 LYS 49 717 717 LYS LYS A . n 
A 1 50 PHE 50 718 718 PHE PHE A . n 
A 1 51 ALA 51 719 719 ALA ALA A . n 
A 1 52 PRO 52 720 720 PRO PRO A . n 
A 1 53 ILE 53 721 721 ILE ILE A . n 
A 1 54 GLU 54 722 722 GLU GLU A . n 
A 1 55 LYS 55 723 723 LYS LYS A . n 
A 1 56 VAL 56 724 724 VAL VAL A . n 
# 
loop_
_pdbx_nonpoly_scheme.asym_id 
_pdbx_nonpoly_scheme.entity_id 
_pdbx_nonpoly_scheme.mon_id 
_pdbx_nonpoly_scheme.ndb_seq_num 
_pdbx_nonpoly_scheme.pdb_seq_num 
_pdbx_nonpoly_scheme.auth_seq_num 
_pdbx_nonpoly_scheme.pdb_mon_id 
_pdbx_nonpoly_scheme.auth_mon_id 
_pdbx_nonpoly_scheme.pdb_strand_id 
_pdbx_nonpoly_scheme.pdb_ins_code 
B 2 HOH 1  801 58 HOH HOH A . 
B 2 HOH 2  802 24 HOH HOH A . 
B 2 HOH 3  803 47 HOH HOH A . 
B 2 HOH 4  804 45 HOH HOH A . 
B 2 HOH 5  805 64 HOH HOH A . 
B 2 HOH 6  806 59 HOH HOH A . 
B 2 HOH 7  807 13 HOH HOH A . 
B 2 HOH 8  808 53 HOH HOH A . 
B 2 HOH 9  809 19 HOH HOH A . 
B 2 HOH 10 810 3  HOH HOH A . 
B 2 HOH 11 811 30 HOH HOH A . 
B 2 HOH 12 812 18 HOH HOH A . 
B 2 HOH 13 813 32 HOH HOH A . 
B 2 HOH 14 814 9  HOH HOH A . 
B 2 HOH 15 815 15 HOH HOH A . 
B 2 HOH 16 816 37 HOH HOH A . 
B 2 HOH 17 817 42 HOH HOH A . 
B 2 HOH 18 818 62 HOH HOH A . 
B 2 HOH 19 819 60 HOH HOH A . 
B 2 HOH 20 820 20 HOH HOH A . 
B 2 HOH 21 821 12 HOH HOH A . 
B 2 HOH 22 822 26 HOH HOH A . 
B 2 HOH 23 823 33 HOH HOH A . 
B 2 HOH 24 824 14 HOH HOH A . 
B 2 HOH 25 825 40 HOH HOH A . 
B 2 HOH 26 826 8  HOH HOH A . 
B 2 HOH 27 827 25 HOH HOH A . 
B 2 HOH 28 828 29 HOH HOH A . 
B 2 HOH 29 829 17 HOH HOH A . 
B 2 HOH 30 830 28 HOH HOH A . 
B 2 HOH 31 831 1  HOH HOH A . 
B 2 HOH 32 832 2  HOH HOH A . 
B 2 HOH 33 833 36 HOH HOH A . 
B 2 HOH 34 834 5  HOH HOH A . 
B 2 HOH 35 835 6  HOH HOH A . 
B 2 HOH 36 836 21 HOH HOH A . 
B 2 HOH 37 837 55 HOH HOH A . 
B 2 HOH 38 838 4  HOH HOH A . 
B 2 HOH 39 839 7  HOH HOH A . 
B 2 HOH 40 840 11 HOH HOH A . 
B 2 HOH 41 841 10 HOH HOH A . 
B 2 HOH 42 842 57 HOH HOH A . 
B 2 HOH 43 843 23 HOH HOH A . 
B 2 HOH 44 844 27 HOH HOH A . 
B 2 HOH 45 845 41 HOH HOH A . 
B 2 HOH 46 846 51 HOH HOH A . 
B 2 HOH 47 847 61 HOH HOH A . 
B 2 HOH 48 848 39 HOH HOH A . 
B 2 HOH 49 849 38 HOH HOH A . 
B 2 HOH 50 850 35 HOH HOH A . 
B 2 HOH 51 851 50 HOH HOH A . 
B 2 HOH 52 852 46 HOH HOH A . 
B 2 HOH 53 853 49 HOH HOH A . 
B 2 HOH 54 854 52 HOH HOH A . 
B 2 HOH 55 855 44 HOH HOH A . 
B 2 HOH 56 856 48 HOH HOH A . 
B 2 HOH 57 857 16 HOH HOH A . 
B 2 HOH 58 858 43 HOH HOH A . 
B 2 HOH 59 859 63 HOH HOH A . 
B 2 HOH 60 860 34 HOH HOH A . 
B 2 HOH 61 861 56 HOH HOH A . 
B 2 HOH 62 862 31 HOH HOH A . 
B 2 HOH 63 863 22 HOH HOH A . 
B 2 HOH 64 864 54 HOH HOH A . 
B 2 HOH 65 865 65 HOH HOH A . 
# 
loop_
_software.citation_id 
_software.classification 
_software.compiler_name 
_software.compiler_version 
_software.contact_author 
_software.contact_author_email 
_software.date 
_software.description 
_software.dependencies 
_software.hardware 
_software.language 
_software.location 
_software.mods 
_software.name 
_software.os 
_software.os_version 
_software.type 
_software.version 
_software.pdbx_ordinal 
? refinement        ? ? ? ? ? ? ? ? ? ? ? PHENIX       ? ? ? .    1 
? 'data scaling'    ? ? ? ? ? ? ? ? ? ? ? HKL-3000     ? ? ? .    2 
? 'data extraction' ? ? ? ? ? ? ? ? ? ? ? PDB_EXTRACT  ? ? ? 3.15 3 
? 'data reduction'  ? ? ? ? ? ? ? ? ? ? ? HKL-3000     ? ? ? .    4 
? phasing           ? ? ? ? ? ? ? ? ? ? ? SHELXDE      ? ? ? .    5 
? 'model building'  ? ? ? ? ? ? ? ? ? ? ? Coot         ? ? ? .    6 
? 'data collection' ? ? ? ? ? ? ? ? ? ? ? CrystalClear ? ? ? .    7 
# 
_cell.angle_alpha                  90.000 
_cell.angle_alpha_esd              ? 
_cell.angle_beta                   90.000 
_cell.angle_beta_esd               ? 
_cell.angle_gamma                  120.000 
_cell.angle_gamma_esd              ? 
_cell.entry_id                     5DMA 
_cell.details                      ? 
_cell.formula_units_Z              ? 
_cell.length_a                     50.485 
_cell.length_a_esd                 ? 
_cell.length_b                     50.485 
_cell.length_b_esd                 ? 
_cell.length_c                     40.212 
_cell.length_c_esd                 ? 
_cell.volume                       ? 
_cell.volume_esd                   ? 
_cell.Z_PDB                        6 
_cell.reciprocal_angle_alpha       ? 
_cell.reciprocal_angle_beta        ? 
_cell.reciprocal_angle_gamma       ? 
_cell.reciprocal_angle_alpha_esd   ? 
_cell.reciprocal_angle_beta_esd    ? 
_cell.reciprocal_angle_gamma_esd   ? 
_cell.reciprocal_length_a          ? 
_cell.reciprocal_length_b          ? 
_cell.reciprocal_length_c          ? 
_cell.reciprocal_length_a_esd      ? 
_cell.reciprocal_length_b_esd      ? 
_cell.reciprocal_length_c_esd      ? 
_cell.pdbx_unique_axis             ? 
# 
_symmetry.entry_id                         5DMA 
_symmetry.cell_setting                     ? 
_symmetry.Int_Tables_number                154 
_symmetry.space_group_name_Hall            ? 
_symmetry.space_group_name_H-M             'P 32 2 1' 
_symmetry.pdbx_full_space_group_name_H-M   ? 
# 
_exptl.absorpt_coefficient_mu     ? 
_exptl.absorpt_correction_T_max   ? 
_exptl.absorpt_correction_T_min   ? 
_exptl.absorpt_correction_type    ? 
_exptl.absorpt_process_details    ? 
_exptl.entry_id                   5DMA 
_exptl.crystals_number            1 
_exptl.details                    ? 
_exptl.method                     'X-RAY DIFFRACTION' 
_exptl.method_details             ? 
# 
_exptl_crystal.colour                      ? 
_exptl_crystal.density_diffrn              ? 
_exptl_crystal.density_Matthews            2.57 
_exptl_crystal.density_method              ? 
_exptl_crystal.density_percent_sol         52.05 
_exptl_crystal.description                 ? 
_exptl_crystal.F_000                       ? 
_exptl_crystal.id                          1 
_exptl_crystal.preparation                 ? 
_exptl_crystal.size_max                    ? 
_exptl_crystal.size_mid                    ? 
_exptl_crystal.size_min                    ? 
_exptl_crystal.size_rad                    ? 
_exptl_crystal.colour_lustre               ? 
_exptl_crystal.colour_modifier             ? 
_exptl_crystal.colour_primary              ? 
_exptl_crystal.density_meas                ? 
_exptl_crystal.density_meas_esd            ? 
_exptl_crystal.density_meas_gt             ? 
_exptl_crystal.density_meas_lt             ? 
_exptl_crystal.density_meas_temp           ? 
_exptl_crystal.density_meas_temp_esd       ? 
_exptl_crystal.density_meas_temp_gt        ? 
_exptl_crystal.density_meas_temp_lt        ? 
_exptl_crystal.pdbx_crystal_image_url      ? 
_exptl_crystal.pdbx_crystal_image_format   ? 
_exptl_crystal.pdbx_mosaicity              ? 
_exptl_crystal.pdbx_mosaicity_esd          ? 
# 
_exptl_crystal_grow.apparatus       ? 
_exptl_crystal_grow.atmosphere      ? 
_exptl_crystal_grow.crystal_id      1 
_exptl_crystal_grow.details         ? 
_exptl_crystal_grow.method          'VAPOR DIFFUSION, SITTING DROP' 
_exptl_crystal_grow.method_ref      ? 
_exptl_crystal_grow.pH              7.0 
_exptl_crystal_grow.pressure        ? 
_exptl_crystal_grow.pressure_esd    ? 
_exptl_crystal_grow.seeding         ? 
_exptl_crystal_grow.seeding_ref     ? 
_exptl_crystal_grow.temp            291 
_exptl_crystal_grow.temp_details    ? 
_exptl_crystal_grow.temp_esd        ? 
_exptl_crystal_grow.time            ? 
_exptl_crystal_grow.pdbx_details    '3.5M sodium formate' 
_exptl_crystal_grow.pdbx_pH_range   ? 
# 
_diffrn.ambient_environment    ? 
_diffrn.ambient_temp           100 
_diffrn.ambient_temp_details   ? 
_diffrn.ambient_temp_esd       ? 
_diffrn.crystal_id             1 
_diffrn.crystal_support        ? 
_diffrn.crystal_treatment      ? 
_diffrn.details                ? 
_diffrn.id                     1 
_diffrn.ambient_pressure       ? 
_diffrn.ambient_pressure_esd   ? 
_diffrn.ambient_pressure_gt    ? 
_diffrn.ambient_pressure_lt    ? 
_diffrn.ambient_temp_gt        ? 
_diffrn.ambient_temp_lt        ? 
# 
_diffrn_detector.details                      ? 
_diffrn_detector.detector                     PIXEL 
_diffrn_detector.diffrn_id                    1 
_diffrn_detector.type                         'DECTRIS PILATUS 300K' 
_diffrn_detector.area_resol_mean              ? 
_diffrn_detector.dtime                        ? 
_diffrn_detector.pdbx_frames_total            ? 
_diffrn_detector.pdbx_collection_time_total   ? 
_diffrn_detector.pdbx_collection_date         2014-07-04 
# 
_diffrn_radiation.collimation                      ? 
_diffrn_radiation.diffrn_id                        1 
_diffrn_radiation.filter_edge                      ? 
_diffrn_radiation.inhomogeneity                    ? 
_diffrn_radiation.monochromator                    ? 
_diffrn_radiation.polarisn_norm                    ? 
_diffrn_radiation.polarisn_ratio                   ? 
_diffrn_radiation.probe                            ? 
_diffrn_radiation.type                             ? 
_diffrn_radiation.xray_symbol                      ? 
_diffrn_radiation.wavelength_id                    1 
_diffrn_radiation.pdbx_monochromatic_or_laue_m_l   M 
_diffrn_radiation.pdbx_wavelength_list             ? 
_diffrn_radiation.pdbx_wavelength                  ? 
_diffrn_radiation.pdbx_diffrn_protocol             'SINGLE WAVELENGTH' 
_diffrn_radiation.pdbx_analyzer                    ? 
_diffrn_radiation.pdbx_scattering_type             x-ray 
# 
_diffrn_radiation_wavelength.id           1 
_diffrn_radiation_wavelength.wavelength   1.54 
_diffrn_radiation_wavelength.wt           1.0 
# 
_diffrn_source.current                     ? 
_diffrn_source.details                     ? 
_diffrn_source.diffrn_id                   1 
_diffrn_source.power                       ? 
_diffrn_source.size                        ? 
_diffrn_source.source                      'ROTATING ANODE' 
_diffrn_source.target                      ? 
_diffrn_source.type                        'RIGAKU FR-X' 
_diffrn_source.voltage                     ? 
_diffrn_source.take-off_angle              ? 
_diffrn_source.pdbx_wavelength_list        1.54 
_diffrn_source.pdbx_wavelength             ? 
_diffrn_source.pdbx_synchrotron_beamline   ? 
_diffrn_source.pdbx_synchrotron_site       ? 
# 
_reflns.B_iso_Wilson_estimate            ? 
_reflns.entry_id                         5DMA 
_reflns.data_reduction_details           ? 
_reflns.data_reduction_method            ? 
_reflns.d_resolution_high                1.5 
_reflns.d_resolution_low                 50 
_reflns.details                          ? 
_reflns.limit_h_max                      ? 
_reflns.limit_h_min                      ? 
_reflns.limit_k_max                      ? 
_reflns.limit_k_min                      ? 
_reflns.limit_l_max                      ? 
_reflns.limit_l_min                      ? 
_reflns.number_all                       ? 
_reflns.number_obs                       9252 
_reflns.observed_criterion               ? 
_reflns.observed_criterion_F_max         ? 
_reflns.observed_criterion_F_min         ? 
_reflns.observed_criterion_I_max         ? 
_reflns.observed_criterion_I_min         ? 
_reflns.observed_criterion_sigma_F       ? 
_reflns.observed_criterion_sigma_I       ? 
_reflns.percent_possible_obs             99.9 
_reflns.R_free_details                   ? 
_reflns.Rmerge_F_all                     ? 
_reflns.Rmerge_F_obs                     ? 
_reflns.Friedel_coverage                 ? 
_reflns.number_gt                        ? 
_reflns.threshold_expression             ? 
_reflns.pdbx_redundancy                  10.0 
_reflns.pdbx_Rmerge_I_obs                ? 
_reflns.pdbx_Rmerge_I_all                ? 
_reflns.pdbx_Rsym_value                  0.034 
_reflns.pdbx_netI_over_av_sigmaI         ? 
_reflns.pdbx_netI_over_sigmaI            61.6 
_reflns.pdbx_res_netI_over_av_sigmaI_2   ? 
_reflns.pdbx_res_netI_over_sigmaI_2      ? 
_reflns.pdbx_chi_squared                 ? 
_reflns.pdbx_scaling_rejects             ? 
_reflns.pdbx_d_res_high_opt              ? 
_reflns.pdbx_d_res_low_opt               ? 
_reflns.pdbx_d_res_opt_method            ? 
_reflns.phase_calculation_details        ? 
_reflns.pdbx_Rrim_I_all                  ? 
_reflns.pdbx_Rpim_I_all                  ? 
_reflns.pdbx_d_opt                       ? 
_reflns.pdbx_number_measured_all         ? 
_reflns.pdbx_diffrn_id                   1 
_reflns.pdbx_ordinal                     1 
_reflns.pdbx_CC_half                     ? 
_reflns.pdbx_R_split                     ? 
# 
_reflns_shell.d_res_high                  1.5 
_reflns_shell.d_res_low                   1.6 
_reflns_shell.meanI_over_sigI_all         ? 
_reflns_shell.meanI_over_sigI_obs         7.7 
_reflns_shell.number_measured_all         ? 
_reflns_shell.number_measured_obs         ? 
_reflns_shell.number_possible             ? 
_reflns_shell.number_unique_all           ? 
_reflns_shell.number_unique_obs           ? 
_reflns_shell.percent_possible_all        98.9 
_reflns_shell.percent_possible_obs        ? 
_reflns_shell.Rmerge_F_all                ? 
_reflns_shell.Rmerge_F_obs                ? 
_reflns_shell.Rmerge_I_all                ? 
_reflns_shell.Rmerge_I_obs                0.185 
_reflns_shell.meanI_over_sigI_gt          ? 
_reflns_shell.meanI_over_uI_all           ? 
_reflns_shell.meanI_over_uI_gt            ? 
_reflns_shell.number_measured_gt          ? 
_reflns_shell.number_unique_gt            ? 
_reflns_shell.percent_possible_gt         ? 
_reflns_shell.Rmerge_F_gt                 ? 
_reflns_shell.Rmerge_I_gt                 ? 
_reflns_shell.pdbx_redundancy             5.1 
_reflns_shell.pdbx_Rsym_value             ? 
_reflns_shell.pdbx_chi_squared            ? 
_reflns_shell.pdbx_netI_over_sigmaI_all   ? 
_reflns_shell.pdbx_netI_over_sigmaI_obs   ? 
_reflns_shell.pdbx_Rrim_I_all             ? 
_reflns_shell.pdbx_Rpim_I_all             ? 
_reflns_shell.pdbx_rejects                ? 
_reflns_shell.pdbx_ordinal                1 
_reflns_shell.pdbx_diffrn_id              1 
_reflns_shell.pdbx_CC_half                ? 
_reflns_shell.pdbx_R_split                ? 
# 
_refine.aniso_B[1][1]                            ? 
_refine.aniso_B[1][2]                            ? 
_refine.aniso_B[1][3]                            ? 
_refine.aniso_B[2][2]                            ? 
_refine.aniso_B[2][3]                            ? 
_refine.aniso_B[3][3]                            ? 
_refine.B_iso_max                                50.740 
_refine.B_iso_mean                               16.4700 
_refine.B_iso_min                                6.090 
_refine.correlation_coeff_Fo_to_Fc               ? 
_refine.correlation_coeff_Fo_to_Fc_free          ? 
_refine.details                                  ? 
_refine.diff_density_max                         ? 
_refine.diff_density_max_esd                     ? 
_refine.diff_density_min                         ? 
_refine.diff_density_min_esd                     ? 
_refine.diff_density_rms                         ? 
_refine.diff_density_rms_esd                     ? 
_refine.entry_id                                 5DMA 
_refine.pdbx_refine_id                           'X-RAY DIFFRACTION' 
_refine.ls_abs_structure_details                 ? 
_refine.ls_abs_structure_Flack                   ? 
_refine.ls_abs_structure_Flack_esd               ? 
_refine.ls_abs_structure_Rogers                  ? 
_refine.ls_abs_structure_Rogers_esd              ? 
_refine.ls_d_res_high                            1.5300 
_refine.ls_d_res_low                             29.5970 
_refine.ls_extinction_coef                       ? 
_refine.ls_extinction_coef_esd                   ? 
_refine.ls_extinction_expression                 ? 
_refine.ls_extinction_method                     ? 
_refine.ls_goodness_of_fit_all                   ? 
_refine.ls_goodness_of_fit_all_esd               ? 
_refine.ls_goodness_of_fit_obs                   ? 
_refine.ls_goodness_of_fit_obs_esd               ? 
_refine.ls_hydrogen_treatment                    ? 
_refine.ls_matrix_type                           ? 
_refine.ls_number_constraints                    ? 
_refine.ls_number_parameters                     ? 
_refine.ls_number_reflns_all                     ? 
_refine.ls_number_reflns_obs                     9167 
_refine.ls_number_reflns_R_free                  438 
_refine.ls_number_reflns_R_work                  8729 
_refine.ls_number_restraints                     ? 
_refine.ls_percent_reflns_obs                    99.3600 
_refine.ls_percent_reflns_R_free                 4.7800 
_refine.ls_R_factor_all                          ? 
_refine.ls_R_factor_obs                          0.1963 
_refine.ls_R_factor_R_free                       0.2200 
_refine.ls_R_factor_R_free_error                 ? 
_refine.ls_R_factor_R_free_error_details         ? 
_refine.ls_R_factor_R_work                       0.1951 
_refine.ls_R_Fsqd_factor_obs                     ? 
_refine.ls_R_I_factor_obs                        ? 
_refine.ls_redundancy_reflns_all                 ? 
_refine.ls_redundancy_reflns_obs                 ? 
_refine.ls_restrained_S_all                      ? 
_refine.ls_restrained_S_obs                      ? 
_refine.ls_shift_over_esd_max                    ? 
_refine.ls_shift_over_esd_mean                   ? 
_refine.ls_structure_factor_coef                 ? 
_refine.ls_weighting_details                     ? 
_refine.ls_weighting_scheme                      ? 
_refine.ls_wR_factor_all                         ? 
_refine.ls_wR_factor_obs                         ? 
_refine.ls_wR_factor_R_free                      ? 
_refine.ls_wR_factor_R_work                      ? 
_refine.occupancy_max                            ? 
_refine.occupancy_min                            ? 
_refine.solvent_model_details                    'FLAT BULK SOLVENT MODEL' 
_refine.solvent_model_param_bsol                 ? 
_refine.solvent_model_param_ksol                 ? 
_refine.ls_R_factor_gt                           ? 
_refine.ls_goodness_of_fit_gt                    ? 
_refine.ls_goodness_of_fit_ref                   ? 
_refine.ls_shift_over_su_max                     ? 
_refine.ls_shift_over_su_max_lt                  ? 
_refine.ls_shift_over_su_mean                    ? 
_refine.ls_shift_over_su_mean_lt                 ? 
_refine.pdbx_ls_sigma_I                          ? 
_refine.pdbx_ls_sigma_F                          1.400 
_refine.pdbx_ls_sigma_Fsqd                       ? 
_refine.pdbx_data_cutoff_high_absF               ? 
_refine.pdbx_data_cutoff_high_rms_absF           ? 
_refine.pdbx_data_cutoff_low_absF                ? 
_refine.pdbx_isotropic_thermal_model             ? 
_refine.pdbx_ls_cross_valid_method               'FREE R-VALUE' 
_refine.pdbx_method_to_determine_struct          SIRAS 
_refine.pdbx_starting_model                      ? 
_refine.pdbx_stereochemistry_target_values       MLHL 
_refine.pdbx_R_Free_selection_details            ? 
_refine.pdbx_stereochem_target_val_spec_case     ? 
_refine.pdbx_overall_ESU_R                       ? 
_refine.pdbx_overall_ESU_R_Free                  ? 
_refine.pdbx_solvent_vdw_probe_radii             1.1100 
_refine.pdbx_solvent_ion_probe_radii             ? 
_refine.pdbx_solvent_shrinkage_radii             0.9000 
_refine.pdbx_real_space_R                        ? 
_refine.pdbx_density_correlation                 ? 
_refine.pdbx_pd_number_of_powder_patterns        ? 
_refine.pdbx_pd_number_of_points                 ? 
_refine.pdbx_pd_meas_number_of_points            ? 
_refine.pdbx_pd_proc_ls_prof_R_factor            ? 
_refine.pdbx_pd_proc_ls_prof_wR_factor           ? 
_refine.pdbx_pd_Marquardt_correlation_coeff      ? 
_refine.pdbx_pd_Fsqrd_R_factor                   ? 
_refine.pdbx_pd_ls_matrix_band_width             ? 
_refine.pdbx_overall_phase_error                 21.7300 
_refine.pdbx_overall_SU_R_free_Cruickshank_DPI   ? 
_refine.pdbx_overall_SU_R_free_Blow_DPI          ? 
_refine.pdbx_overall_SU_R_Blow_DPI               ? 
_refine.pdbx_TLS_residual_ADP_flag               ? 
_refine.pdbx_diffrn_id                           1 
_refine.overall_SU_B                             ? 
_refine.overall_SU_ML                            0.1400 
_refine.overall_SU_R_Cruickshank_DPI             ? 
_refine.overall_SU_R_free                        ? 
_refine.overall_FOM_free_R_set                   ? 
_refine.overall_FOM_work_R_set                   0.8524 
_refine.pdbx_average_fsc_overall                 ? 
_refine.pdbx_average_fsc_work                    ? 
_refine.pdbx_average_fsc_free                    ? 
# 
_refine_hist.cycle_id                         final 
_refine_hist.pdbx_refine_id                   'X-RAY DIFFRACTION' 
_refine_hist.d_res_high                       1.5300 
_refine_hist.d_res_low                        29.5970 
_refine_hist.pdbx_number_atoms_ligand         0 
_refine_hist.number_atoms_solvent             65 
_refine_hist.number_atoms_total               472 
_refine_hist.pdbx_number_residues_total       53 
_refine_hist.pdbx_B_iso_mean_solvent          26.50 
_refine_hist.pdbx_number_atoms_protein        407 
_refine_hist.pdbx_number_atoms_nucleic_acid   0 
# 
loop_
_refine_ls_restr.pdbx_refine_id 
_refine_ls_restr.criterion 
_refine_ls_restr.dev_ideal 
_refine_ls_restr.dev_ideal_target 
_refine_ls_restr.number 
_refine_ls_restr.rejects 
_refine_ls_restr.type 
_refine_ls_restr.weight 
_refine_ls_restr.pdbx_restraint_function 
'X-RAY DIFFRACTION' ? 0.007  ? 416 ? f_bond_d           ? ? 
'X-RAY DIFFRACTION' ? 1.193  ? 560 ? f_angle_d          ? ? 
'X-RAY DIFFRACTION' ? 0.049  ? 59  ? f_chiral_restr     ? ? 
'X-RAY DIFFRACTION' ? 0.007  ? 72  ? f_plane_restr      ? ? 
'X-RAY DIFFRACTION' ? 12.205 ? 154 ? f_dihedral_angle_d ? ? 
# 
loop_
_refine_ls_shell.pdbx_refine_id 
_refine_ls_shell.d_res_high 
_refine_ls_shell.d_res_low 
_refine_ls_shell.number_reflns_all 
_refine_ls_shell.number_reflns_obs 
_refine_ls_shell.number_reflns_R_free 
_refine_ls_shell.number_reflns_R_work 
_refine_ls_shell.percent_reflns_obs 
_refine_ls_shell.percent_reflns_R_free 
_refine_ls_shell.R_factor_all 
_refine_ls_shell.R_factor_obs 
_refine_ls_shell.R_factor_R_free 
_refine_ls_shell.R_factor_R_free_error 
_refine_ls_shell.R_factor_R_work 
_refine_ls_shell.redundancy_reflns_all 
_refine_ls_shell.redundancy_reflns_obs 
_refine_ls_shell.wR_factor_all 
_refine_ls_shell.wR_factor_obs 
_refine_ls_shell.wR_factor_R_free 
_refine_ls_shell.wR_factor_R_work 
_refine_ls_shell.pdbx_total_number_of_bins_used 
_refine_ls_shell.pdbx_phase_error 
_refine_ls_shell.pdbx_fsc_work 
_refine_ls_shell.pdbx_fsc_free 
'X-RAY DIFFRACTION' 1.5300 1.7514  3020 . 163 2857 100.0000 . . . 0.2287 . 0.2042 . . . . . . 3 . . . 
'X-RAY DIFFRACTION' 1.7514 2.2065  3014 . 132 2882 99.0000  . . . 0.2403 . 0.2077 . . . . . . 3 . . . 
'X-RAY DIFFRACTION' 2.2065 29.6027 3133 . 143 2990 99.0000  . . . 0.2082 . 0.1870 . . . . . . 3 . . . 
# 
_struct.entry_id                     5DMA 
_struct.title                        'Crystal structure of C-terminal tudor domain in PcrA/UvrD helicase' 
_struct.pdbx_model_details           ? 
_struct.pdbx_formula_weight          ? 
_struct.pdbx_formula_weight_method   ? 
_struct.pdbx_model_type_details      ? 
_struct.pdbx_CASP_flag               ? 
# 
_struct_keywords.entry_id        5DMA 
_struct_keywords.text            'RNA polymerase, PcrA/UvrD helicase, Tudor domain, Transcription, hydrolase' 
_struct_keywords.pdbx_keywords   HYDROLASE 
# 
loop_
_struct_asym.id 
_struct_asym.pdbx_blank_PDB_chainid_flag 
_struct_asym.pdbx_modified 
_struct_asym.entity_id 
_struct_asym.details 
A N N 1 ? 
B N N 2 ? 
# 
_struct_ref.id                         1 
_struct_ref.db_name                    UNP 
_struct_ref.db_code                    PCRA_GEOSE 
_struct_ref.pdbx_db_accession          P56255 
_struct_ref.pdbx_db_isoform            ? 
_struct_ref.entity_id                  1 
_struct_ref.pdbx_seq_one_letter_code   WKVGDRANHRKWGIGTVVSVRGGGDDQELDIAFPSPIGIKRLLAKFAPIEKV 
_struct_ref.pdbx_align_begin           673 
# 
_struct_ref_seq.align_id                      1 
_struct_ref_seq.ref_id                        1 
_struct_ref_seq.pdbx_PDB_id_code              5DMA 
_struct_ref_seq.pdbx_strand_id                A 
_struct_ref_seq.seq_align_beg                 5 
_struct_ref_seq.pdbx_seq_align_beg_ins_code   ? 
_struct_ref_seq.seq_align_end                 56 
_struct_ref_seq.pdbx_seq_align_end_ins_code   ? 
_struct_ref_seq.pdbx_db_accession             P56255 
_struct_ref_seq.db_align_beg                  673 
_struct_ref_seq.pdbx_db_align_beg_ins_code    ? 
_struct_ref_seq.db_align_end                  724 
_struct_ref_seq.pdbx_db_align_end_ins_code    ? 
_struct_ref_seq.pdbx_auth_seq_align_beg       673 
_struct_ref_seq.pdbx_auth_seq_align_end       724 
# 
loop_
_struct_ref_seq_dif.align_id 
_struct_ref_seq_dif.pdbx_pdb_id_code 
_struct_ref_seq_dif.mon_id 
_struct_ref_seq_dif.pdbx_pdb_strand_id 
_struct_ref_seq_dif.seq_num 
_struct_ref_seq_dif.pdbx_pdb_ins_code 
_struct_ref_seq_dif.pdbx_seq_db_name 
_struct_ref_seq_dif.pdbx_seq_db_accession_code 
_struct_ref_seq_dif.db_mon_id 
_struct_ref_seq_dif.pdbx_seq_db_seq_num 
_struct_ref_seq_dif.details 
_struct_ref_seq_dif.pdbx_auth_seq_num 
_struct_ref_seq_dif.pdbx_ordinal 
1 5DMA PRO A 1 ? UNP P56255 ? ? 'expression tag' 669 1 
1 5DMA GLY A 2 ? UNP P56255 ? ? 'expression tag' 670 2 
1 5DMA GLY A 3 ? UNP P56255 ? ? 'expression tag' 671 3 
1 5DMA GLY A 4 ? UNP P56255 ? ? 'expression tag' 672 4 
# 
_pdbx_struct_assembly.id                   1 
_pdbx_struct_assembly.details              author_and_software_defined_assembly 
_pdbx_struct_assembly.method_details       PISA 
_pdbx_struct_assembly.oligomeric_details   monomeric 
_pdbx_struct_assembly.oligomeric_count     1 
# 
loop_
_pdbx_struct_assembly_prop.biol_id 
_pdbx_struct_assembly_prop.type 
_pdbx_struct_assembly_prop.value 
_pdbx_struct_assembly_prop.details 
1 'ABSA (A^2)' 0    ? 
1 MORE         0    ? 
1 'SSA (A^2)'  3580 ? 
# 
_pdbx_struct_assembly_gen.assembly_id       1 
_pdbx_struct_assembly_gen.oper_expression   1 
_pdbx_struct_assembly_gen.asym_id_list      A,B 
# 
_pdbx_struct_oper_list.id                   1 
_pdbx_struct_oper_list.type                 'identity operation' 
_pdbx_struct_oper_list.name                 1_555 
_pdbx_struct_oper_list.symmetry_operation   x,y,z 
_pdbx_struct_oper_list.matrix[1][1]         1.0000000000 
_pdbx_struct_oper_list.matrix[1][2]         0.0000000000 
_pdbx_struct_oper_list.matrix[1][3]         0.0000000000 
_pdbx_struct_oper_list.vector[1]            0.0000000000 
_pdbx_struct_oper_list.matrix[2][1]         0.0000000000 
_pdbx_struct_oper_list.matrix[2][2]         1.0000000000 
_pdbx_struct_oper_list.matrix[2][3]         0.0000000000 
_pdbx_struct_oper_list.vector[2]            0.0000000000 
_pdbx_struct_oper_list.matrix[3][1]         0.0000000000 
_pdbx_struct_oper_list.matrix[3][2]         0.0000000000 
_pdbx_struct_oper_list.matrix[3][3]         1.0000000000 
_pdbx_struct_oper_list.vector[3]            0.0000000000 
# 
_struct_conf.conf_type_id            HELX_P 
_struct_conf.id                      HELX_P1 
_struct_conf.pdbx_PDB_helix_id       AA1 
_struct_conf.beg_label_comp_id       GLY 
_struct_conf.beg_label_asym_id       A 
_struct_conf.beg_label_seq_id        27 
_struct_conf.pdbx_beg_PDB_ins_code   ? 
_struct_conf.end_label_comp_id       ASP 
_struct_conf.end_label_asym_id       A 
_struct_conf.end_label_seq_id        30 
_struct_conf.pdbx_end_PDB_ins_code   ? 
_struct_conf.beg_auth_comp_id        GLY 
_struct_conf.beg_auth_asym_id        A 
_struct_conf.beg_auth_seq_id         695 
_struct_conf.end_auth_comp_id        ASP 
_struct_conf.end_auth_asym_id        A 
_struct_conf.end_auth_seq_id         698 
_struct_conf.pdbx_PDB_helix_class    5 
_struct_conf.details                 ? 
_struct_conf.pdbx_PDB_helix_length   4 
# 
_struct_conf_type.id          HELX_P 
_struct_conf_type.criteria    ? 
_struct_conf_type.reference   ? 
# 
_struct_mon_prot_cis.pdbx_id                1 
_struct_mon_prot_cis.label_comp_id          SER 
_struct_mon_prot_cis.label_seq_id           39 
_struct_mon_prot_cis.label_asym_id          A 
_struct_mon_prot_cis.label_alt_id           . 
_struct_mon_prot_cis.pdbx_PDB_ins_code      ? 
_struct_mon_prot_cis.auth_comp_id           SER 
_struct_mon_prot_cis.auth_seq_id            707 
_struct_mon_prot_cis.auth_asym_id           A 
_struct_mon_prot_cis.pdbx_label_comp_id_2   PRO 
_struct_mon_prot_cis.pdbx_label_seq_id_2    40 
_struct_mon_prot_cis.pdbx_label_asym_id_2   A 
_struct_mon_prot_cis.pdbx_PDB_ins_code_2    ? 
_struct_mon_prot_cis.pdbx_auth_comp_id_2    PRO 
_struct_mon_prot_cis.pdbx_auth_seq_id_2     708 
_struct_mon_prot_cis.pdbx_auth_asym_id_2    A 
_struct_mon_prot_cis.pdbx_PDB_model_num     1 
_struct_mon_prot_cis.pdbx_omega_angle       3.85 
# 
_struct_sheet.id               AA1 
_struct_sheet.type             ? 
_struct_sheet.number_strands   5 
_struct_sheet.details          ? 
# 
loop_
_struct_sheet_order.sheet_id 
_struct_sheet_order.range_id_1 
_struct_sheet_order.range_id_2 
_struct_sheet_order.offset 
_struct_sheet_order.sense 
AA1 1 2 ? anti-parallel 
AA1 2 3 ? anti-parallel 
AA1 3 4 ? anti-parallel 
AA1 4 5 ? anti-parallel 
# 
loop_
_struct_sheet_range.sheet_id 
_struct_sheet_range.id 
_struct_sheet_range.beg_label_comp_id 
_struct_sheet_range.beg_label_asym_id 
_struct_sheet_range.beg_label_seq_id 
_struct_sheet_range.pdbx_beg_PDB_ins_code 
_struct_sheet_range.end_label_comp_id 
_struct_sheet_range.end_label_asym_id 
_struct_sheet_range.end_label_seq_id 
_struct_sheet_range.pdbx_end_PDB_ins_code 
_struct_sheet_range.beg_auth_comp_id 
_struct_sheet_range.beg_auth_asym_id 
_struct_sheet_range.beg_auth_seq_id 
_struct_sheet_range.end_auth_comp_id 
_struct_sheet_range.end_auth_asym_id 
_struct_sheet_range.end_auth_seq_id 
AA1 1 GLY A 42 ? LEU A 47 ? GLY A 710 LEU A 715 
AA1 2 GLU A 32 ? PHE A 37 ? GLU A 700 PHE A 705 
AA1 3 GLY A 17 ? ARG A 25 ? GLY A 685 ARG A 693 
AA1 4 ARG A 10 ? HIS A 13 ? ARG A 678 HIS A 681 
AA1 5 ILE A 53 ? LYS A 55 ? ILE A 721 LYS A 723 
# 
loop_
_pdbx_struct_sheet_hbond.sheet_id 
_pdbx_struct_sheet_hbond.range_id_1 
_pdbx_struct_sheet_hbond.range_id_2 
_pdbx_struct_sheet_hbond.range_1_label_atom_id 
_pdbx_struct_sheet_hbond.range_1_label_comp_id 
_pdbx_struct_sheet_hbond.range_1_label_asym_id 
_pdbx_struct_sheet_hbond.range_1_label_seq_id 
_pdbx_struct_sheet_hbond.range_1_PDB_ins_code 
_pdbx_struct_sheet_hbond.range_1_auth_atom_id 
_pdbx_struct_sheet_hbond.range_1_auth_comp_id 
_pdbx_struct_sheet_hbond.range_1_auth_asym_id 
_pdbx_struct_sheet_hbond.range_1_auth_seq_id 
_pdbx_struct_sheet_hbond.range_2_label_atom_id 
_pdbx_struct_sheet_hbond.range_2_label_comp_id 
_pdbx_struct_sheet_hbond.range_2_label_asym_id 
_pdbx_struct_sheet_hbond.range_2_label_seq_id 
_pdbx_struct_sheet_hbond.range_2_PDB_ins_code 
_pdbx_struct_sheet_hbond.range_2_auth_atom_id 
_pdbx_struct_sheet_hbond.range_2_auth_comp_id 
_pdbx_struct_sheet_hbond.range_2_auth_asym_id 
_pdbx_struct_sheet_hbond.range_2_auth_seq_id 
AA1 1 2 O LEU A 46 ? O LEU A 714 N LEU A 33 ? N LEU A 701 
AA1 2 3 O ALA A 36 ? O ALA A 704 N THR A 20 ? N THR A 688 
AA1 3 4 O GLY A 17 ? O GLY A 685 N HIS A 13 ? N HIS A 681 
AA1 4 5 N ASN A 12 ? N ASN A 680 O GLU A 54 ? O GLU A 722 
# 
loop_
_pdbx_validate_close_contact.id 
_pdbx_validate_close_contact.PDB_model_num 
_pdbx_validate_close_contact.auth_atom_id_1 
_pdbx_validate_close_contact.auth_asym_id_1 
_pdbx_validate_close_contact.auth_comp_id_1 
_pdbx_validate_close_contact.auth_seq_id_1 
_pdbx_validate_close_contact.PDB_ins_code_1 
_pdbx_validate_close_contact.label_alt_id_1 
_pdbx_validate_close_contact.auth_atom_id_2 
_pdbx_validate_close_contact.auth_asym_id_2 
_pdbx_validate_close_contact.auth_comp_id_2 
_pdbx_validate_close_contact.auth_seq_id_2 
_pdbx_validate_close_contact.PDB_ins_code_2 
_pdbx_validate_close_contact.label_alt_id_2 
_pdbx_validate_close_contact.dist 
1 1 NH1 A ARG 693 ? ? O A HOH 801 ? ? 1.96 
2 1 O   A HOH 820 ? ? O A HOH 855 ? ? 1.98 
3 1 O   A HOH 819 ? ? O A HOH 858 ? ? 2.19 
# 
_pdbx_validate_symm_contact.id                1 
_pdbx_validate_symm_contact.PDB_model_num     1 
_pdbx_validate_symm_contact.auth_atom_id_1    O 
_pdbx_validate_symm_contact.auth_asym_id_1    A 
_pdbx_validate_symm_contact.auth_comp_id_1    HOH 
_pdbx_validate_symm_contact.auth_seq_id_1     851 
_pdbx_validate_symm_contact.PDB_ins_code_1    ? 
_pdbx_validate_symm_contact.label_alt_id_1    ? 
_pdbx_validate_symm_contact.site_symmetry_1   1_555 
_pdbx_validate_symm_contact.auth_atom_id_2    O 
_pdbx_validate_symm_contact.auth_asym_id_2    A 
_pdbx_validate_symm_contact.auth_comp_id_2    HOH 
_pdbx_validate_symm_contact.auth_seq_id_2     854 
_pdbx_validate_symm_contact.PDB_ins_code_2    ? 
_pdbx_validate_symm_contact.label_alt_id_2    ? 
_pdbx_validate_symm_contact.site_symmetry_2   5_555 
_pdbx_validate_symm_contact.dist              2.16 
# 
_pdbx_validate_torsion.id              1 
_pdbx_validate_torsion.PDB_model_num   1 
_pdbx_validate_torsion.auth_comp_id    ASP 
_pdbx_validate_torsion.auth_asym_id    A 
_pdbx_validate_torsion.auth_seq_id     698 
_pdbx_validate_torsion.PDB_ins_code    ? 
_pdbx_validate_torsion.label_alt_id    ? 
_pdbx_validate_torsion.phi             -150.08 
_pdbx_validate_torsion.psi             57.10 
# 
loop_
_pdbx_unobs_or_zero_occ_residues.id 
_pdbx_unobs_or_zero_occ_residues.PDB_model_num 
_pdbx_unobs_or_zero_occ_residues.polymer_flag 
_pdbx_unobs_or_zero_occ_residues.occupancy_flag 
_pdbx_unobs_or_zero_occ_residues.auth_asym_id 
_pdbx_unobs_or_zero_occ_residues.auth_comp_id 
_pdbx_unobs_or_zero_occ_residues.auth_seq_id 
_pdbx_unobs_or_zero_occ_residues.PDB_ins_code 
_pdbx_unobs_or_zero_occ_residues.label_asym_id 
_pdbx_unobs_or_zero_occ_residues.label_comp_id 
_pdbx_unobs_or_zero_occ_residues.label_seq_id 
1 1 Y 1 A PRO 669 ? A PRO 1 
2 1 Y 1 A GLY 670 ? A GLY 2 
3 1 Y 1 A GLY 671 ? A GLY 3 
# 
loop_
_chem_comp_atom.comp_id 
_chem_comp_atom.atom_id 
_chem_comp_atom.type_symbol 
_chem_comp_atom.pdbx_aromatic_flag 
_chem_comp_atom.pdbx_stereo_config 
_chem_comp_atom.pdbx_ordinal 
ALA N    N N N 1   
ALA CA   C N S 2   
ALA C    C N N 3   
ALA O    O N N 4   
ALA CB   C N N 5   
ALA OXT  O N N 6   
ALA H    H N N 7   
ALA H2   H N N 8   
ALA HA   H N N 9   
ALA HB1  H N N 10  
ALA HB2  H N N 11  
ALA HB3  H N N 12  
ALA HXT  H N N 13  
ARG N    N N N 14  
ARG CA   C N S 15  
ARG C    C N N 16  
ARG O    O N N 17  
ARG CB   C N N 18  
ARG CG   C N N 19  
ARG CD   C N N 20  
ARG NE   N N N 21  
ARG CZ   C N N 22  
ARG NH1  N N N 23  
ARG NH2  N N N 24  
ARG OXT  O N N 25  
ARG H    H N N 26  
ARG H2   H N N 27  
ARG HA   H N N 28  
ARG HB2  H N N 29  
ARG HB3  H N N 30  
ARG HG2  H N N 31  
ARG HG3  H N N 32  
ARG HD2  H N N 33  
ARG HD3  H N N 34  
ARG HE   H N N 35  
ARG HH11 H N N 36  
ARG HH12 H N N 37  
ARG HH21 H N N 38  
ARG HH22 H N N 39  
ARG HXT  H N N 40  
ASN N    N N N 41  
ASN CA   C N S 42  
ASN C    C N N 43  
ASN O    O N N 44  
ASN CB   C N N 45  
ASN CG   C N N 46  
ASN OD1  O N N 47  
ASN ND2  N N N 48  
ASN OXT  O N N 49  
ASN H    H N N 50  
ASN H2   H N N 51  
ASN HA   H N N 52  
ASN HB2  H N N 53  
ASN HB3  H N N 54  
ASN HD21 H N N 55  
ASN HD22 H N N 56  
ASN HXT  H N N 57  
ASP N    N N N 58  
ASP CA   C N S 59  
ASP C    C N N 60  
ASP O    O N N 61  
ASP CB   C N N 62  
ASP CG   C N N 63  
ASP OD1  O N N 64  
ASP OD2  O N N 65  
ASP OXT  O N N 66  
ASP H    H N N 67  
ASP H2   H N N 68  
ASP HA   H N N 69  
ASP HB2  H N N 70  
ASP HB3  H N N 71  
ASP HD2  H N N 72  
ASP HXT  H N N 73  
GLN N    N N N 74  
GLN CA   C N S 75  
GLN C    C N N 76  
GLN O    O N N 77  
GLN CB   C N N 78  
GLN CG   C N N 79  
GLN CD   C N N 80  
GLN OE1  O N N 81  
GLN NE2  N N N 82  
GLN OXT  O N N 83  
GLN H    H N N 84  
GLN H2   H N N 85  
GLN HA   H N N 86  
GLN HB2  H N N 87  
GLN HB3  H N N 88  
GLN HG2  H N N 89  
GLN HG3  H N N 90  
GLN HE21 H N N 91  
GLN HE22 H N N 92  
GLN HXT  H N N 93  
GLU N    N N N 94  
GLU CA   C N S 95  
GLU C    C N N 96  
GLU O    O N N 97  
GLU CB   C N N 98  
GLU CG   C N N 99  
GLU CD   C N N 100 
GLU OE1  O N N 101 
GLU OE2  O N N 102 
GLU OXT  O N N 103 
GLU H    H N N 104 
GLU H2   H N N 105 
GLU HA   H N N 106 
GLU HB2  H N N 107 
GLU HB3  H N N 108 
GLU HG2  H N N 109 
GLU HG3  H N N 110 
GLU HE2  H N N 111 
GLU HXT  H N N 112 
GLY N    N N N 113 
GLY CA   C N N 114 
GLY C    C N N 115 
GLY O    O N N 116 
GLY OXT  O N N 117 
GLY H    H N N 118 
GLY H2   H N N 119 
GLY HA2  H N N 120 
GLY HA3  H N N 121 
GLY HXT  H N N 122 
HIS N    N N N 123 
HIS CA   C N S 124 
HIS C    C N N 125 
HIS O    O N N 126 
HIS CB   C N N 127 
HIS CG   C Y N 128 
HIS ND1  N Y N 129 
HIS CD2  C Y N 130 
HIS CE1  C Y N 131 
HIS NE2  N Y N 132 
HIS OXT  O N N 133 
HIS H    H N N 134 
HIS H2   H N N 135 
HIS HA   H N N 136 
HIS HB2  H N N 137 
HIS HB3  H N N 138 
HIS HD1  H N N 139 
HIS HD2  H N N 140 
HIS HE1  H N N 141 
HIS HE2  H N N 142 
HIS HXT  H N N 143 
HOH O    O N N 144 
HOH H1   H N N 145 
HOH H2   H N N 146 
ILE N    N N N 147 
ILE CA   C N S 148 
ILE C    C N N 149 
ILE O    O N N 150 
ILE CB   C N S 151 
ILE CG1  C N N 152 
ILE CG2  C N N 153 
ILE CD1  C N N 154 
ILE OXT  O N N 155 
ILE H    H N N 156 
ILE H2   H N N 157 
ILE HA   H N N 158 
ILE HB   H N N 159 
ILE HG12 H N N 160 
ILE HG13 H N N 161 
ILE HG21 H N N 162 
ILE HG22 H N N 163 
ILE HG23 H N N 164 
ILE HD11 H N N 165 
ILE HD12 H N N 166 
ILE HD13 H N N 167 
ILE HXT  H N N 168 
LEU N    N N N 169 
LEU CA   C N S 170 
LEU C    C N N 171 
LEU O    O N N 172 
LEU CB   C N N 173 
LEU CG   C N N 174 
LEU CD1  C N N 175 
LEU CD2  C N N 176 
LEU OXT  O N N 177 
LEU H    H N N 178 
LEU H2   H N N 179 
LEU HA   H N N 180 
LEU HB2  H N N 181 
LEU HB3  H N N 182 
LEU HG   H N N 183 
LEU HD11 H N N 184 
LEU HD12 H N N 185 
LEU HD13 H N N 186 
LEU HD21 H N N 187 
LEU HD22 H N N 188 
LEU HD23 H N N 189 
LEU HXT  H N N 190 
LYS N    N N N 191 
LYS CA   C N S 192 
LYS C    C N N 193 
LYS O    O N N 194 
LYS CB   C N N 195 
LYS CG   C N N 196 
LYS CD   C N N 197 
LYS CE   C N N 198 
LYS NZ   N N N 199 
LYS OXT  O N N 200 
LYS H    H N N 201 
LYS H2   H N N 202 
LYS HA   H N N 203 
LYS HB2  H N N 204 
LYS HB3  H N N 205 
LYS HG2  H N N 206 
LYS HG3  H N N 207 
LYS HD2  H N N 208 
LYS HD3  H N N 209 
LYS HE2  H N N 210 
LYS HE3  H N N 211 
LYS HZ1  H N N 212 
LYS HZ2  H N N 213 
LYS HZ3  H N N 214 
LYS HXT  H N N 215 
PHE N    N N N 216 
PHE CA   C N S 217 
PHE C    C N N 218 
PHE O    O N N 219 
PHE CB   C N N 220 
PHE CG   C Y N 221 
PHE CD1  C Y N 222 
PHE CD2  C Y N 223 
PHE CE1  C Y N 224 
PHE CE2  C Y N 225 
PHE CZ   C Y N 226 
PHE OXT  O N N 227 
PHE H    H N N 228 
PHE H2   H N N 229 
PHE HA   H N N 230 
PHE HB2  H N N 231 
PHE HB3  H N N 232 
PHE HD1  H N N 233 
PHE HD2  H N N 234 
PHE HE1  H N N 235 
PHE HE2  H N N 236 
PHE HZ   H N N 237 
PHE HXT  H N N 238 
PRO N    N N N 239 
PRO CA   C N S 240 
PRO C    C N N 241 
PRO O    O N N 242 
PRO CB   C N N 243 
PRO CG   C N N 244 
PRO CD   C N N 245 
PRO OXT  O N N 246 
PRO H    H N N 247 
PRO HA   H N N 248 
PRO HB2  H N N 249 
PRO HB3  H N N 250 
PRO HG2  H N N 251 
PRO HG3  H N N 252 
PRO HD2  H N N 253 
PRO HD3  H N N 254 
PRO HXT  H N N 255 
SER N    N N N 256 
SER CA   C N S 257 
SER C    C N N 258 
SER O    O N N 259 
SER CB   C N N 260 
SER OG   O N N 261 
SER OXT  O N N 262 
SER H    H N N 263 
SER H2   H N N 264 
SER HA   H N N 265 
SER HB2  H N N 266 
SER HB3  H N N 267 
SER HG   H N N 268 
SER HXT  H N N 269 
THR N    N N N 270 
THR CA   C N S 271 
THR C    C N N 272 
THR O    O N N 273 
THR CB   C N R 274 
THR OG1  O N N 275 
THR CG2  C N N 276 
THR OXT  O N N 277 
THR H    H N N 278 
THR H2   H N N 279 
THR HA   H N N 280 
THR HB   H N N 281 
THR HG1  H N N 282 
THR HG21 H N N 283 
THR HG22 H N N 284 
THR HG23 H N N 285 
THR HXT  H N N 286 
TRP N    N N N 287 
TRP CA   C N S 288 
TRP C    C N N 289 
TRP O    O N N 290 
TRP CB   C N N 291 
TRP CG   C Y N 292 
TRP CD1  C Y N 293 
TRP CD2  C Y N 294 
TRP NE1  N Y N 295 
TRP CE2  C Y N 296 
TRP CE3  C Y N 297 
TRP CZ2  C Y N 298 
TRP CZ3  C Y N 299 
TRP CH2  C Y N 300 
TRP OXT  O N N 301 
TRP H    H N N 302 
TRP H2   H N N 303 
TRP HA   H N N 304 
TRP HB2  H N N 305 
TRP HB3  H N N 306 
TRP HD1  H N N 307 
TRP HE1  H N N 308 
TRP HE3  H N N 309 
TRP HZ2  H N N 310 
TRP HZ3  H N N 311 
TRP HH2  H N N 312 
TRP HXT  H N N 313 
VAL N    N N N 314 
VAL CA   C N S 315 
VAL C    C N N 316 
VAL O    O N N 317 
VAL CB   C N N 318 
VAL CG1  C N N 319 
VAL CG2  C N N 320 
VAL OXT  O N N 321 
VAL H    H N N 322 
VAL H2   H N N 323 
VAL HA   H N N 324 
VAL HB   H N N 325 
VAL HG11 H N N 326 
VAL HG12 H N N 327 
VAL HG13 H N N 328 
VAL HG21 H N N 329 
VAL HG22 H N N 330 
VAL HG23 H N N 331 
VAL HXT  H N N 332 
# 
loop_
_chem_comp_bond.comp_id 
_chem_comp_bond.atom_id_1 
_chem_comp_bond.atom_id_2 
_chem_comp_bond.value_order 
_chem_comp_bond.pdbx_aromatic_flag 
_chem_comp_bond.pdbx_stereo_config 
_chem_comp_bond.pdbx_ordinal 
ALA N   CA   sing N N 1   
ALA N   H    sing N N 2   
ALA N   H2   sing N N 3   
ALA CA  C    sing N N 4   
ALA CA  CB   sing N N 5   
ALA CA  HA   sing N N 6   
ALA C   O    doub N N 7   
ALA C   OXT  sing N N 8   
ALA CB  HB1  sing N N 9   
ALA CB  HB2  sing N N 10  
ALA CB  HB3  sing N N 11  
ALA OXT HXT  sing N N 12  
ARG N   CA   sing N N 13  
ARG N   H    sing N N 14  
ARG N   H2   sing N N 15  
ARG CA  C    sing N N 16  
ARG CA  CB   sing N N 17  
ARG CA  HA   sing N N 18  
ARG C   O    doub N N 19  
ARG C   OXT  sing N N 20  
ARG CB  CG   sing N N 21  
ARG CB  HB2  sing N N 22  
ARG CB  HB3  sing N N 23  
ARG CG  CD   sing N N 24  
ARG CG  HG2  sing N N 25  
ARG CG  HG3  sing N N 26  
ARG CD  NE   sing N N 27  
ARG CD  HD2  sing N N 28  
ARG CD  HD3  sing N N 29  
ARG NE  CZ   sing N N 30  
ARG NE  HE   sing N N 31  
ARG CZ  NH1  sing N N 32  
ARG CZ  NH2  doub N N 33  
ARG NH1 HH11 sing N N 34  
ARG NH1 HH12 sing N N 35  
ARG NH2 HH21 sing N N 36  
ARG NH2 HH22 sing N N 37  
ARG OXT HXT  sing N N 38  
ASN N   CA   sing N N 39  
ASN N   H    sing N N 40  
ASN N   H2   sing N N 41  
ASN CA  C    sing N N 42  
ASN CA  CB   sing N N 43  
ASN CA  HA   sing N N 44  
ASN C   O    doub N N 45  
ASN C   OXT  sing N N 46  
ASN CB  CG   sing N N 47  
ASN CB  HB2  sing N N 48  
ASN CB  HB3  sing N N 49  
ASN CG  OD1  doub N N 50  
ASN CG  ND2  sing N N 51  
ASN ND2 HD21 sing N N 52  
ASN ND2 HD22 sing N N 53  
ASN OXT HXT  sing N N 54  
ASP N   CA   sing N N 55  
ASP N   H    sing N N 56  
ASP N   H2   sing N N 57  
ASP CA  C    sing N N 58  
ASP CA  CB   sing N N 59  
ASP CA  HA   sing N N 60  
ASP C   O    doub N N 61  
ASP C   OXT  sing N N 62  
ASP CB  CG   sing N N 63  
ASP CB  HB2  sing N N 64  
ASP CB  HB3  sing N N 65  
ASP CG  OD1  doub N N 66  
ASP CG  OD2  sing N N 67  
ASP OD2 HD2  sing N N 68  
ASP OXT HXT  sing N N 69  
GLN N   CA   sing N N 70  
GLN N   H    sing N N 71  
GLN N   H2   sing N N 72  
GLN CA  C    sing N N 73  
GLN CA  CB   sing N N 74  
GLN CA  HA   sing N N 75  
GLN C   O    doub N N 76  
GLN C   OXT  sing N N 77  
GLN CB  CG   sing N N 78  
GLN CB  HB2  sing N N 79  
GLN CB  HB3  sing N N 80  
GLN CG  CD   sing N N 81  
GLN CG  HG2  sing N N 82  
GLN CG  HG3  sing N N 83  
GLN CD  OE1  doub N N 84  
GLN CD  NE2  sing N N 85  
GLN NE2 HE21 sing N N 86  
GLN NE2 HE22 sing N N 87  
GLN OXT HXT  sing N N 88  
GLU N   CA   sing N N 89  
GLU N   H    sing N N 90  
GLU N   H2   sing N N 91  
GLU CA  C    sing N N 92  
GLU CA  CB   sing N N 93  
GLU CA  HA   sing N N 94  
GLU C   O    doub N N 95  
GLU C   OXT  sing N N 96  
GLU CB  CG   sing N N 97  
GLU CB  HB2  sing N N 98  
GLU CB  HB3  sing N N 99  
GLU CG  CD   sing N N 100 
GLU CG  HG2  sing N N 101 
GLU CG  HG3  sing N N 102 
GLU CD  OE1  doub N N 103 
GLU CD  OE2  sing N N 104 
GLU OE2 HE2  sing N N 105 
GLU OXT HXT  sing N N 106 
GLY N   CA   sing N N 107 
GLY N   H    sing N N 108 
GLY N   H2   sing N N 109 
GLY CA  C    sing N N 110 
GLY CA  HA2  sing N N 111 
GLY CA  HA3  sing N N 112 
GLY C   O    doub N N 113 
GLY C   OXT  sing N N 114 
GLY OXT HXT  sing N N 115 
HIS N   CA   sing N N 116 
HIS N   H    sing N N 117 
HIS N   H2   sing N N 118 
HIS CA  C    sing N N 119 
HIS CA  CB   sing N N 120 
HIS CA  HA   sing N N 121 
HIS C   O    doub N N 122 
HIS C   OXT  sing N N 123 
HIS CB  CG   sing N N 124 
HIS CB  HB2  sing N N 125 
HIS CB  HB3  sing N N 126 
HIS CG  ND1  sing Y N 127 
HIS CG  CD2  doub Y N 128 
HIS ND1 CE1  doub Y N 129 
HIS ND1 HD1  sing N N 130 
HIS CD2 NE2  sing Y N 131 
HIS CD2 HD2  sing N N 132 
HIS CE1 NE2  sing Y N 133 
HIS CE1 HE1  sing N N 134 
HIS NE2 HE2  sing N N 135 
HIS OXT HXT  sing N N 136 
HOH O   H1   sing N N 137 
HOH O   H2   sing N N 138 
ILE N   CA   sing N N 139 
ILE N   H    sing N N 140 
ILE N   H2   sing N N 141 
ILE CA  C    sing N N 142 
ILE CA  CB   sing N N 143 
ILE CA  HA   sing N N 144 
ILE C   O    doub N N 145 
ILE C   OXT  sing N N 146 
ILE CB  CG1  sing N N 147 
ILE CB  CG2  sing N N 148 
ILE CB  HB   sing N N 149 
ILE CG1 CD1  sing N N 150 
ILE CG1 HG12 sing N N 151 
ILE CG1 HG13 sing N N 152 
ILE CG2 HG21 sing N N 153 
ILE CG2 HG22 sing N N 154 
ILE CG2 HG23 sing N N 155 
ILE CD1 HD11 sing N N 156 
ILE CD1 HD12 sing N N 157 
ILE CD1 HD13 sing N N 158 
ILE OXT HXT  sing N N 159 
LEU N   CA   sing N N 160 
LEU N   H    sing N N 161 
LEU N   H2   sing N N 162 
LEU CA  C    sing N N 163 
LEU CA  CB   sing N N 164 
LEU CA  HA   sing N N 165 
LEU C   O    doub N N 166 
LEU C   OXT  sing N N 167 
LEU CB  CG   sing N N 168 
LEU CB  HB2  sing N N 169 
LEU CB  HB3  sing N N 170 
LEU CG  CD1  sing N N 171 
LEU CG  CD2  sing N N 172 
LEU CG  HG   sing N N 173 
LEU CD1 HD11 sing N N 174 
LEU CD1 HD12 sing N N 175 
LEU CD1 HD13 sing N N 176 
LEU CD2 HD21 sing N N 177 
LEU CD2 HD22 sing N N 178 
LEU CD2 HD23 sing N N 179 
LEU OXT HXT  sing N N 180 
LYS N   CA   sing N N 181 
LYS N   H    sing N N 182 
LYS N   H2   sing N N 183 
LYS CA  C    sing N N 184 
LYS CA  CB   sing N N 185 
LYS CA  HA   sing N N 186 
LYS C   O    doub N N 187 
LYS C   OXT  sing N N 188 
LYS CB  CG   sing N N 189 
LYS CB  HB2  sing N N 190 
LYS CB  HB3  sing N N 191 
LYS CG  CD   sing N N 192 
LYS CG  HG2  sing N N 193 
LYS CG  HG3  sing N N 194 
LYS CD  CE   sing N N 195 
LYS CD  HD2  sing N N 196 
LYS CD  HD3  sing N N 197 
LYS CE  NZ   sing N N 198 
LYS CE  HE2  sing N N 199 
LYS CE  HE3  sing N N 200 
LYS NZ  HZ1  sing N N 201 
LYS NZ  HZ2  sing N N 202 
LYS NZ  HZ3  sing N N 203 
LYS OXT HXT  sing N N 204 
PHE N   CA   sing N N 205 
PHE N   H    sing N N 206 
PHE N   H2   sing N N 207 
PHE CA  C    sing N N 208 
PHE CA  CB   sing N N 209 
PHE CA  HA   sing N N 210 
PHE C   O    doub N N 211 
PHE C   OXT  sing N N 212 
PHE CB  CG   sing N N 213 
PHE CB  HB2  sing N N 214 
PHE CB  HB3  sing N N 215 
PHE CG  CD1  doub Y N 216 
PHE CG  CD2  sing Y N 217 
PHE CD1 CE1  sing Y N 218 
PHE CD1 HD1  sing N N 219 
PHE CD2 CE2  doub Y N 220 
PHE CD2 HD2  sing N N 221 
PHE CE1 CZ   doub Y N 222 
PHE CE1 HE1  sing N N 223 
PHE CE2 CZ   sing Y N 224 
PHE CE2 HE2  sing N N 225 
PHE CZ  HZ   sing N N 226 
PHE OXT HXT  sing N N 227 
PRO N   CA   sing N N 228 
PRO N   CD   sing N N 229 
PRO N   H    sing N N 230 
PRO CA  C    sing N N 231 
PRO CA  CB   sing N N 232 
PRO CA  HA   sing N N 233 
PRO C   O    doub N N 234 
PRO C   OXT  sing N N 235 
PRO CB  CG   sing N N 236 
PRO CB  HB2  sing N N 237 
PRO CB  HB3  sing N N 238 
PRO CG  CD   sing N N 239 
PRO CG  HG2  sing N N 240 
PRO CG  HG3  sing N N 241 
PRO CD  HD2  sing N N 242 
PRO CD  HD3  sing N N 243 
PRO OXT HXT  sing N N 244 
SER N   CA   sing N N 245 
SER N   H    sing N N 246 
SER N   H2   sing N N 247 
SER CA  C    sing N N 248 
SER CA  CB   sing N N 249 
SER CA  HA   sing N N 250 
SER C   O    doub N N 251 
SER C   OXT  sing N N 252 
SER CB  OG   sing N N 253 
SER CB  HB2  sing N N 254 
SER CB  HB3  sing N N 255 
SER OG  HG   sing N N 256 
SER OXT HXT  sing N N 257 
THR N   CA   sing N N 258 
THR N   H    sing N N 259 
THR N   H2   sing N N 260 
THR CA  C    sing N N 261 
THR CA  CB   sing N N 262 
THR CA  HA   sing N N 263 
THR C   O    doub N N 264 
THR C   OXT  sing N N 265 
THR CB  OG1  sing N N 266 
THR CB  CG2  sing N N 267 
THR CB  HB   sing N N 268 
THR OG1 HG1  sing N N 269 
THR CG2 HG21 sing N N 270 
THR CG2 HG22 sing N N 271 
THR CG2 HG23 sing N N 272 
THR OXT HXT  sing N N 273 
TRP N   CA   sing N N 274 
TRP N   H    sing N N 275 
TRP N   H2   sing N N 276 
TRP CA  C    sing N N 277 
TRP CA  CB   sing N N 278 
TRP CA  HA   sing N N 279 
TRP C   O    doub N N 280 
TRP C   OXT  sing N N 281 
TRP CB  CG   sing N N 282 
TRP CB  HB2  sing N N 283 
TRP CB  HB3  sing N N 284 
TRP CG  CD1  doub Y N 285 
TRP CG  CD2  sing Y N 286 
TRP CD1 NE1  sing Y N 287 
TRP CD1 HD1  sing N N 288 
TRP CD2 CE2  doub Y N 289 
TRP CD2 CE3  sing Y N 290 
TRP NE1 CE2  sing Y N 291 
TRP NE1 HE1  sing N N 292 
TRP CE2 CZ2  sing Y N 293 
TRP CE3 CZ3  doub Y N 294 
TRP CE3 HE3  sing N N 295 
TRP CZ2 CH2  doub Y N 296 
TRP CZ2 HZ2  sing N N 297 
TRP CZ3 CH2  sing Y N 298 
TRP CZ3 HZ3  sing N N 299 
TRP CH2 HH2  sing N N 300 
TRP OXT HXT  sing N N 301 
VAL N   CA   sing N N 302 
VAL N   H    sing N N 303 
VAL N   H2   sing N N 304 
VAL CA  C    sing N N 305 
VAL CA  CB   sing N N 306 
VAL CA  HA   sing N N 307 
VAL C   O    doub N N 308 
VAL C   OXT  sing N N 309 
VAL CB  CG1  sing N N 310 
VAL CB  CG2  sing N N 311 
VAL CB  HB   sing N N 312 
VAL CG1 HG11 sing N N 313 
VAL CG1 HG12 sing N N 314 
VAL CG1 HG13 sing N N 315 
VAL CG2 HG21 sing N N 316 
VAL CG2 HG22 sing N N 317 
VAL CG2 HG23 sing N N 318 
VAL OXT HXT  sing N N 319 
# 
loop_
_pdbx_audit_support.funding_organization 
_pdbx_audit_support.country 
_pdbx_audit_support.grant_number 
_pdbx_audit_support.ordinal 
'Wellcome Trust'                                         'United Kingdom' 095519/B/11/Z 1 
'Wellcome Trust'                                         'United Kingdom' 100401/Z/12/Z 2 
'Biotechnology and Biological Sciences Research Council' 'United Kingdom' BB/I003142/1  3 
# 
_atom_sites.entry_id                    5DMA 
_atom_sites.fract_transf_matrix[1][1]   -0.01688041 
_atom_sites.fract_transf_matrix[1][2]   -0.00692716 
_atom_sites.fract_transf_matrix[1][3]   0.01379148 
_atom_sites.fract_transf_matrix[2][1]   -0.00860707 
_atom_sites.fract_transf_matrix[2][2]   -0.02108060 
_atom_sites.fract_transf_matrix[2][3]   -0.00215753 
_atom_sites.fract_transf_matrix[3][1]   0.01677879 
_atom_sites.fract_transf_matrix[3][2]   -0.00851483 
_atom_sites.fract_transf_matrix[3][3]   0.01625999 
_atom_sites.fract_transf_vector[1]      0.554973 
_atom_sites.fract_transf_vector[2]      0.131757 
_atom_sites.fract_transf_vector[3]      0.354325 
# 
loop_
_atom_type.symbol 
C 
N 
O 
# 
loop_
_atom_site.group_PDB 
_atom_site.id 
_atom_site.type_symbol 
_atom_site.label_atom_id 
_atom_site.label_alt_id 
_atom_site.label_comp_id 
_atom_site.label_asym_id 
_atom_site.label_entity_id 
_atom_site.label_seq_id 
_atom_site.pdbx_PDB_ins_code 
_atom_site.Cartn_x 
_atom_site.Cartn_y 
_atom_site.Cartn_z 
_atom_site.occupancy 
_atom_site.B_iso_or_equiv 
_atom_site.pdbx_formal_charge 
_atom_site.auth_seq_id 
_atom_site.auth_comp_id 
_atom_site.auth_asym_id 
_atom_site.auth_atom_id 
_atom_site.pdbx_PDB_model_num 
ATOM   1   N N   . GLY A 1 4  ? 5.345   5.168   10.067  1.00 29.23 ? 672 GLY A N   1 
ATOM   2   C CA  . GLY A 1 4  ? 5.271   4.167   9.015   1.00 25.41 ? 672 GLY A CA  1 
ATOM   3   C C   . GLY A 1 4  ? 4.782   4.717   7.678   1.00 20.78 ? 672 GLY A C   1 
ATOM   4   O O   . GLY A 1 4  ? 5.265   5.741   7.179   1.00 22.85 ? 672 GLY A O   1 
ATOM   5   N N   . TRP A 1 5  ? 3.806   4.036   7.094   1.00 15.96 ? 673 TRP A N   1 
ATOM   6   C CA  . TRP A 1 5  ? 3.282   4.433   5.792   1.00 12.97 ? 673 TRP A CA  1 
ATOM   7   C C   . TRP A 1 5  ? 2.409   5.685   5.877   1.00 11.49 ? 673 TRP A C   1 
ATOM   8   O O   . TRP A 1 5  ? 1.706   5.899   6.860   1.00 12.87 ? 673 TRP A O   1 
ATOM   9   C CB  . TRP A 1 5  ? 2.482   3.285   5.182   1.00 10.35 ? 673 TRP A CB  1 
ATOM   10  C CG  . TRP A 1 5  ? 3.319   2.122   4.757   1.00 10.28 ? 673 TRP A CG  1 
ATOM   11  C CD1 . TRP A 1 5  ? 3.510   0.954   5.446   1.00 12.68 ? 673 TRP A CD1 1 
ATOM   12  C CD2 . TRP A 1 5  ? 4.058   2.001   3.546   1.00 10.05 ? 673 TRP A CD2 1 
ATOM   13  N NE1 . TRP A 1 5  ? 4.334   0.121   4.733   1.00 13.26 ? 673 TRP A NE1 1 
ATOM   14  C CE2 . TRP A 1 5  ? 4.683   0.735   3.561   1.00 11.14 ? 673 TRP A CE2 1 
ATOM   15  C CE3 . TRP A 1 5  ? 4.263   2.842   2.441   1.00 10.81 ? 673 TRP A CE3 1 
ATOM   16  C CZ2 . TRP A 1 5  ? 5.500   0.295   2.524   1.00 12.48 ? 673 TRP A CZ2 1 
ATOM   17  C CZ3 . TRP A 1 5  ? 5.062   2.399   1.406   1.00 12.99 ? 673 TRP A CZ3 1 
ATOM   18  C CH2 . TRP A 1 5  ? 5.671   1.131   1.451   1.00 15.23 ? 673 TRP A CH2 1 
ATOM   19  N N   . LYS A 1 6  ? 2.449   6.491   4.819   1.00 10.81 ? 674 LYS A N   1 
ATOM   20  C CA  . LYS A 1 6  ? 1.691   7.734   4.741   1.00 10.69 ? 674 LYS A CA  1 
ATOM   21  C C   . LYS A 1 6  ? 0.970   7.824   3.410   1.00 8.16  ? 674 LYS A C   1 
ATOM   22  O O   . LYS A 1 6  ? 1.469   7.353   2.397   1.00 8.66  ? 674 LYS A O   1 
ATOM   23  C CB  . LYS A 1 6  ? 2.612   8.949   4.884   1.00 11.26 ? 674 LYS A CB  1 
ATOM   24  C CG  . LYS A 1 6  ? 3.496   8.947   6.122   1.00 16.41 ? 674 LYS A CG  1 
ATOM   25  C CD  . LYS A 1 6  ? 2.695   9.270   7.354   1.00 21.92 ? 674 LYS A CD  1 
ATOM   26  C CE  . LYS A 1 6  ? 3.591   9.475   8.573   1.00 25.02 ? 674 LYS A CE  1 
ATOM   27  N NZ  . LYS A 1 6  ? 2.794   9.339   9.833   1.00 30.24 ? 674 LYS A NZ  1 
ATOM   28  N N   . VAL A 1 7  ? -0.198  8.442   3.419   1.00 7.89  ? 675 VAL A N   1 
ATOM   29  C CA  . VAL A 1 7  ? -0.876  8.776   2.179   1.00 8.08  ? 675 VAL A CA  1 
ATOM   30  C C   . VAL A 1 7  ? 0.079   9.518   1.227   1.00 9.24  ? 675 VAL A C   1 
ATOM   31  O O   . VAL A 1 7  ? 0.825   10.410  1.637   1.00 7.76  ? 675 VAL A O   1 
ATOM   32  C CB  . VAL A 1 7  ? -2.120  9.620   2.462   1.00 7.95  ? 675 VAL A CB  1 
ATOM   33  C CG1 . VAL A 1 7  ? -2.739  10.133  1.158   1.00 10.91 ? 675 VAL A CG1 1 
ATOM   34  C CG2 . VAL A 1 7  ? -3.140  8.809   3.266   1.00 10.62 ? 675 VAL A CG2 1 
ATOM   35  N N   . GLY A 1 8  ? 0.104   9.097   -0.031  1.00 8.04  ? 676 GLY A N   1 
ATOM   36  C CA  . GLY A 1 8  ? 0.979   9.703   -1.018  1.00 8.00  ? 676 GLY A CA  1 
ATOM   37  C C   . GLY A 1 8  ? 2.283   8.954   -1.224  1.00 9.25  ? 676 GLY A C   1 
ATOM   38  O O   . GLY A 1 8  ? 2.950   9.148   -2.238  1.00 9.65  ? 676 GLY A O   1 
ATOM   39  N N   . ASP A 1 9  ? 2.651   8.121   -0.251  1.00 8.10  ? 677 ASP A N   1 
ATOM   40  C CA  . ASP A 1 9  ? 3.809   7.241   -0.408  1.00 8.41  ? 677 ASP A CA  1 
ATOM   41  C C   . ASP A 1 9  ? 3.621   6.326   -1.608  1.00 8.62  ? 677 ASP A C   1 
ATOM   42  O O   . ASP A 1 9  ? 2.489   5.925   -1.929  1.00 9.96  ? 677 ASP A O   1 
ATOM   43  C CB  . ASP A 1 9  ? 4.028   6.359   0.835   1.00 9.02  ? 677 ASP A CB  1 
ATOM   44  C CG  . ASP A 1 9  ? 4.587   7.108   2.017   1.00 11.16 ? 677 ASP A CG  1 
ATOM   45  O OD1 . ASP A 1 9  ? 4.937   8.303   1.896   1.00 11.97 ? 677 ASP A OD1 1 
ATOM   46  O OD2 . ASP A 1 9  ? 4.686   6.468   3.083   1.00 12.12 ? 677 ASP A OD2 1 
ATOM   47  N N   . ARG A 1 10 ? 4.723   5.950   -2.249  1.00 8.69  ? 678 ARG A N   1 
ATOM   48  C CA  . ARG A 1 10 ? 4.631   4.965   -3.315  1.00 9.73  ? 678 ARG A CA  1 
ATOM   49  C C   . ARG A 1 10 ? 5.241   3.644   -2.835  1.00 10.83 ? 678 ARG A C   1 
ATOM   50  O O   . ARG A 1 10 ? 6.239   3.622   -2.104  1.00 12.84 ? 678 ARG A O   1 
ATOM   51  C CB  . ARG A 1 10 ? 5.288   5.474   -4.596  1.00 14.18 ? 678 ARG A CB  1 
ATOM   52  C CG  . ARG A 1 10 ? 4.405   6.484   -5.327  1.00 14.58 ? 678 ARG A CG  1 
ATOM   53  C CD  . ARG A 1 10 ? 4.638   6.480   -6.824  1.00 20.90 ? 678 ARG A CD  1 
ATOM   54  N NE  . ARG A 1 10 ? 6.032   6.773   -7.131  1.00 27.81 ? 678 ARG A NE  1 
ATOM   55  C CZ  . ARG A 1 10 ? 6.587   6.600   -8.324  1.00 27.67 ? 678 ARG A CZ  1 
ATOM   56  N NH1 . ARG A 1 10 ? 5.862   6.133   -9.336  1.00 26.82 ? 678 ARG A NH1 1 
ATOM   57  N NH2 . ARG A 1 10 ? 7.869   6.893   -8.501  1.00 30.62 ? 678 ARG A NH2 1 
ATOM   58  N N   . ALA A 1 11 ? 4.584   2.553   -3.207  1.00 10.19 ? 679 ALA A N   1 
ATOM   59  C CA  . ALA A 1 11 ? 4.962   1.220   -2.755  1.00 10.00 ? 679 ALA A CA  1 
ATOM   60  C C   . ALA A 1 11 ? 5.144   0.312   -3.957  1.00 10.95 ? 679 ALA A C   1 
ATOM   61  O O   . ALA A 1 11 ? 4.294   0.264   -4.837  1.00 11.07 ? 679 ALA A O   1 
ATOM   62  C CB  . ALA A 1 11 ? 3.906   0.652   -1.823  1.00 11.12 ? 679 ALA A CB  1 
ATOM   63  N N   . ASN A 1 12 ? 6.252   -0.412  -3.987  1.00 11.14 ? 680 ASN A N   1 
ATOM   64  C CA  . ASN A 1 12 ? 6.476   -1.408  -5.016  1.00 10.22 ? 680 ASN A CA  1 
ATOM   65  C C   . ASN A 1 12 ? 6.079   -2.773  -4.463  1.00 8.49  ? 680 ASN A C   1 
ATOM   66  O O   . ASN A 1 12 ? 6.703   -3.272  -3.526  1.00 10.23 ? 680 ASN A O   1 
ATOM   67  C CB  . ASN A 1 12 ? 7.939   -1.382  -5.452  1.00 12.59 ? 680 ASN A CB  1 
ATOM   68  C CG  . ASN A 1 12 ? 8.224   -2.297  -6.619  1.00 16.55 ? 680 ASN A CG  1 
ATOM   69  O OD1 . ASN A 1 12 ? 7.325   -2.865  -7.235  1.00 16.41 ? 680 ASN A OD1 1 
ATOM   70  N ND2 . ASN A 1 12 ? 9.501   -2.419  -6.949  1.00 23.75 ? 680 ASN A ND2 1 
ATOM   71  N N   . HIS A 1 13 ? 5.021   -3.345  -5.036  1.00 8.01  ? 681 HIS A N   1 
ATOM   72  C CA  . HIS A 1 13 ? 4.410   -4.589  -4.573  1.00 8.35  ? 681 HIS A CA  1 
ATOM   73  C C   . HIS A 1 13 ? 4.850   -5.722  -5.486  1.00 8.21  ? 681 HIS A C   1 
ATOM   74  O O   . HIS A 1 13 ? 4.817   -5.568  -6.702  1.00 11.10 ? 681 HIS A O   1 
ATOM   75  C CB  . HIS A 1 13 ? 2.879   -4.441  -4.593  1.00 9.22  ? 681 HIS A CB  1 
ATOM   76  C CG  . HIS A 1 13 ? 2.131   -5.559  -3.922  1.00 8.36  ? 681 HIS A CG  1 
ATOM   77  N ND1 . HIS A 1 13 ? 1.983   -6.811  -4.488  1.00 7.89  ? 681 HIS A ND1 1 
ATOM   78  C CD2 . HIS A 1 13 ? 1.451   -5.593  -2.751  1.00 9.23  ? 681 HIS A CD2 1 
ATOM   79  C CE1 . HIS A 1 13 ? 1.271   -7.574  -3.678  1.00 8.56  ? 681 HIS A CE1 1 
ATOM   80  N NE2 . HIS A 1 13 ? 0.930   -6.858  -2.619  1.00 9.24  ? 681 HIS A NE2 1 
ATOM   81  N N   . ARG A 1 14 ? 5.251   -6.853  -4.907  1.00 7.51  ? 682 ARG A N   1 
ATOM   82  C CA  . ARG A 1 14 ? 5.758   -7.980  -5.688  1.00 8.83  ? 682 ARG A CA  1 
ATOM   83  C C   . ARG A 1 14 ? 4.791   -8.441  -6.778  1.00 10.62 ? 682 ARG A C   1 
ATOM   84  O O   . ARG A 1 14 ? 5.217   -8.835  -7.876  1.00 11.27 ? 682 ARG A O   1 
ATOM   85  C CB  . ARG A 1 14 ? 6.066   -9.153  -4.751  1.00 9.53  ? 682 ARG A CB  1 
ATOM   86  C CG  . ARG A 1 14 ? 6.550   -10.415 -5.448  1.00 10.30 ? 682 ARG A CG  1 
ATOM   87  C CD  . ARG A 1 14 ? 7.913   -10.207 -6.103  1.00 12.02 ? 682 ARG A CD  1 
ATOM   88  N NE  . ARG A 1 14 ? 8.400   -11.474 -6.641  1.00 16.75 ? 682 ARG A NE  1 
ATOM   89  C CZ  . ARG A 1 14 ? 8.534   -11.761 -7.935  1.00 20.77 ? 682 ARG A CZ  1 
ATOM   90  N NH1 . ARG A 1 14 ? 8.260   -10.859 -8.875  1.00 18.75 ? 682 ARG A NH1 1 
ATOM   91  N NH2 . ARG A 1 14 ? 8.951   -12.973 -8.286  1.00 14.21 ? 682 ARG A NH2 1 
ATOM   92  N N   . LYS A 1 15 ? 3.500   -8.389  -6.488  1.00 8.47  ? 683 LYS A N   1 
ATOM   93  C CA  . LYS A 1 15 ? 2.485   -8.849  -7.430  1.00 8.85  ? 683 LYS A CA  1 
ATOM   94  C C   . LYS A 1 15 ? 2.031   -7.745  -8.367  1.00 11.62 ? 683 LYS A C   1 
ATOM   95  O O   . LYS A 1 15 ? 1.905   -7.942  -9.571  1.00 12.13 ? 683 LYS A O   1 
ATOM   96  C CB  . LYS A 1 15 ? 1.278   -9.393  -6.677  1.00 10.01 ? 683 LYS A CB  1 
ATOM   97  C CG  . LYS A 1 15 ? 0.244   -10.091 -7.552  1.00 8.94  ? 683 LYS A CG  1 
ATOM   98  C CD  . LYS A 1 15 ? -0.890  -10.580 -6.686  1.00 8.55  ? 683 LYS A CD  1 
ATOM   99  C CE  . LYS A 1 15 ? -1.854  -11.492 -7.435  1.00 10.25 ? 683 LYS A CE  1 
ATOM   100 N NZ  . LYS A 1 15 ? -1.295  -12.892 -7.578  1.00 9.79  ? 683 LYS A NZ  1 
ATOM   101 N N   . TRP A 1 16 ? 1.764   -6.577  -7.808  1.00 8.78  ? 684 TRP A N   1 
ATOM   102 C CA  . TRP A 1 16 ? 1.033   -5.544  -8.547  1.00 10.26 ? 684 TRP A CA  1 
ATOM   103 C C   . TRP A 1 16 ? 1.874   -4.371  -9.039  1.00 10.14 ? 684 TRP A C   1 
ATOM   104 O O   . TRP A 1 16 ? 1.351   -3.485  -9.722  1.00 13.08 ? 684 TRP A O   1 
ATOM   105 C CB  . TRP A 1 16 ? -0.115  -5.020  -7.687  1.00 10.65 ? 684 TRP A CB  1 
ATOM   106 C CG  . TRP A 1 16 ? -1.184  -6.051  -7.473  1.00 9.91  ? 684 TRP A CG  1 
ATOM   107 C CD1 . TRP A 1 16 ? -1.822  -6.780  -8.435  1.00 14.81 ? 684 TRP A CD1 1 
ATOM   108 C CD2 . TRP A 1 16 ? -1.737  -6.448  -6.225  1.00 12.74 ? 684 TRP A CD2 1 
ATOM   109 N NE1 . TRP A 1 16 ? -2.736  -7.620  -7.850  1.00 14.85 ? 684 TRP A NE1 1 
ATOM   110 C CE2 . TRP A 1 16 ? -2.710  -7.430  -6.492  1.00 12.88 ? 684 TRP A CE2 1 
ATOM   111 C CE3 . TRP A 1 16 ? -1.505  -6.067  -4.902  1.00 11.34 ? 684 TRP A CE3 1 
ATOM   112 C CZ2 . TRP A 1 16 ? -3.459  -8.039  -5.480  1.00 14.09 ? 684 TRP A CZ2 1 
ATOM   113 C CZ3 . TRP A 1 16 ? -2.247  -6.667  -3.893  1.00 15.18 ? 684 TRP A CZ3 1 
ATOM   114 C CH2 . TRP A 1 16 ? -3.211  -7.646  -4.186  1.00 16.21 ? 684 TRP A CH2 1 
ATOM   115 N N   . GLY A 1 17 ? 3.162   -4.369  -8.726  1.00 9.51  ? 685 GLY A N   1 
ATOM   116 C CA  . GLY A 1 17 ? 4.037   -3.301  -9.170  1.00 9.10  ? 685 GLY A CA  1 
ATOM   117 C C   . GLY A 1 17 ? 3.933   -2.058  -8.304  1.00 9.70  ? 685 GLY A C   1 
ATOM   118 O O   . GLY A 1 17 ? 3.651   -2.141  -7.111  1.00 9.47  ? 685 GLY A O   1 
ATOM   119 N N   . ILE A 1 18 ? 4.163   -0.900  -8.904  1.00 10.89 ? 686 ILE A N   1 
ATOM   120 C CA  . ILE A 1 18 ? 4.216   0.325   -8.118  1.00 9.83  ? 686 ILE A CA  1 
ATOM   121 C C   . ILE A 1 18 ? 2.850   0.990   -8.042  1.00 8.13  ? 686 ILE A C   1 
ATOM   122 O O   . ILE A 1 18 ? 2.180   1.180   -9.060  1.00 11.33 ? 686 ILE A O   1 
ATOM   123 C CB  . ILE A 1 18 ? 5.244   1.318   -8.694  1.00 12.70 ? 686 ILE A CB  1 
ATOM   124 C CG1 . ILE A 1 18 ? 6.651   0.737   -8.574  1.00 13.81 ? 686 ILE A CG1 1 
ATOM   125 C CG2 . ILE A 1 18 ? 5.172   2.641   -7.953  1.00 14.86 ? 686 ILE A CG2 1 
ATOM   126 C CD1 . ILE A 1 18 ? 7.717   1.573   -9.275  1.00 17.55 ? 686 ILE A CD1 1 
ATOM   127 N N   . GLY A 1 19 ? 2.431   1.330   -6.828  1.00 7.98  ? 687 GLY A N   1 
ATOM   128 C CA  . GLY A 1 19 ? 1.174   2.032   -6.632  1.00 7.73  ? 687 GLY A CA  1 
ATOM   129 C C   . GLY A 1 19 ? 1.327   3.114   -5.584  1.00 7.79  ? 687 GLY A C   1 
ATOM   130 O O   . GLY A 1 19 ? 2.366   3.220   -4.960  1.00 9.07  ? 687 GLY A O   1 
ATOM   131 N N   . THR A 1 20 ? 0.274   3.899   -5.397  1.00 6.74  ? 688 THR A N   1 
ATOM   132 C CA  . THR A 1 20 ? 0.300   5.036   -4.481  1.00 8.01  ? 688 THR A CA  1 
ATOM   133 C C   . THR A 1 20 ? -0.650  4.787   -3.315  1.00 6.47  ? 688 THR A C   1 
ATOM   134 O O   . THR A 1 20 ? -1.810  4.423   -3.527  1.00 7.94  ? 688 THR A O   1 
ATOM   135 C CB  . THR A 1 20 ? -0.086  6.342   -5.215  1.00 9.08  ? 688 THR A CB  1 
ATOM   136 O OG1 . THR A 1 20 ? 0.877   6.610   -6.247  1.00 11.23 ? 688 THR A OG1 1 
ATOM   137 C CG2 . THR A 1 20 ? -0.147  7.532   -4.244  1.00 8.98  ? 688 THR A CG2 1 
ATOM   138 N N   . VAL A 1 21 ? -0.158  4.977   -2.094  1.00 7.17  ? 689 VAL A N   1 
ATOM   139 C CA  . VAL A 1 21 ? -0.990  4.826   -0.914  1.00 7.59  ? 689 VAL A CA  1 
ATOM   140 C C   . VAL A 1 21 ? -2.075  5.905   -0.871  1.00 8.02  ? 689 VAL A C   1 
ATOM   141 O O   . VAL A 1 21 ? -1.769  7.104   -0.881  1.00 6.63  ? 689 VAL A O   1 
ATOM   142 C CB  . VAL A 1 21 ? -0.140  4.898   0.374   1.00 6.55  ? 689 VAL A CB  1 
ATOM   143 C CG1 . VAL A 1 21 ? -1.032  4.793   1.591   1.00 8.02  ? 689 VAL A CG1 1 
ATOM   144 C CG2 . VAL A 1 21 ? 0.910   3.774   0.376   1.00 8.98  ? 689 VAL A CG2 1 
ATOM   145 N N   . VAL A 1 22 ? -3.340  5.490   -0.836  1.00 6.55  ? 690 VAL A N   1 
ATOM   146 C CA  . VAL A 1 22 ? -4.448  6.460   -0.764  1.00 8.18  ? 690 VAL A CA  1 
ATOM   147 C C   . VAL A 1 22 ? -5.161  6.500   0.596   1.00 10.41 ? 690 VAL A C   1 
ATOM   148 O O   . VAL A 1 22 ? -5.897  7.443   0.867   1.00 13.19 ? 690 VAL A O   1 
ATOM   149 C CB  . VAL A 1 22 ? -5.507  6.211   -1.901  1.00 8.99  ? 690 VAL A CB  1 
ATOM   150 C CG1 . VAL A 1 22 ? -4.872  6.352   -3.276  1.00 8.07  ? 690 VAL A CG1 1 
ATOM   151 C CG2 . VAL A 1 22 ? -6.173  4.845   -1.755  1.00 10.73 ? 690 VAL A CG2 1 
ATOM   152 N N   . SER A 1 23 ? -4.932  5.493   1.446   1.00 9.89  ? 691 SER A N   1 
ATOM   153 C CA  . SER A 1 23 ? -5.512  5.464   2.795   1.00 11.01 ? 691 SER A CA  1 
ATOM   154 C C   . SER A 1 23 ? -4.564  4.724   3.702   1.00 10.42 ? 691 SER A C   1 
ATOM   155 O O   . SER A 1 23 ? -3.932  3.757   3.275   1.00 10.27 ? 691 SER A O   1 
ATOM   156 C CB  . SER A 1 23 ? -6.877  4.754   2.855   1.00 18.06 ? 691 SER A CB  1 
ATOM   157 O OG  . SER A 1 23 ? -7.666  4.945   1.710   1.00 21.57 ? 691 SER A OG  1 
ATOM   158 N N   . VAL A 1 24 ? -4.487  5.166   4.954   1.00 11.60 ? 692 VAL A N   1 
ATOM   159 C CA  . VAL A 1 24 ? -3.762  4.434   5.982   1.00 12.77 ? 692 VAL A CA  1 
ATOM   160 C C   . VAL A 1 24 ? -4.665  4.393   7.200   1.00 17.98 ? 692 VAL A C   1 
ATOM   161 O O   . VAL A 1 24 ? -5.136  5.429   7.635   1.00 17.33 ? 692 VAL A O   1 
ATOM   162 C CB  . VAL A 1 24 ? -2.416  5.093   6.356   1.00 12.25 ? 692 VAL A CB  1 
ATOM   163 C CG1 . VAL A 1 24 ? -1.707  4.301   7.475   1.00 20.87 ? 692 VAL A CG1 1 
ATOM   164 C CG2 . VAL A 1 24 ? -1.481  5.220   5.148   1.00 10.80 ? 692 VAL A CG2 1 
ATOM   165 N N   . ARG A 1 25 ? -4.876  3.215   7.731   1.00 17.31 ? 693 ARG A N   1 
ATOM   166 C CA  . ARG A 1 25 ? -5.559  3.132   9.032   1.00 24.26 ? 693 ARG A CA  1 
ATOM   167 C C   . ARG A 1 25 ? -5.205  1.963   9.896   1.00 27.25 ? 693 ARG A C   1 
ATOM   168 O O   . ARG A 1 25 ? -4.267  1.310   9.636   1.00 22.86 ? 693 ARG A O   1 
ATOM   169 C CB  . ARG A 1 25 ? -7.021  3.239   8.876   1.00 26.75 ? 693 ARG A CB  1 
ATOM   170 C CG  . ARG A 1 25 ? -7.752  1.976   8.676   1.00 28.25 ? 693 ARG A CG  1 
ATOM   171 C CD  . ARG A 1 25 ? -7.339  1.642   7.377   1.00 29.67 ? 693 ARG A CD  1 
ATOM   172 N NE  . ARG A 1 25 ? -8.075  2.503   6.470   1.00 29.68 ? 693 ARG A NE  1 
ATOM   173 C CZ  . ARG A 1 25 ? -8.489  2.093   5.304   1.00 24.82 ? 693 ARG A CZ  1 
ATOM   174 N NH1 . ARG A 1 25 ? -9.148  2.901   4.519   1.00 31.06 ? 693 ARG A NH1 1 
ATOM   175 N NH2 . ARG A 1 25 ? -8.218  0.910   4.941   1.00 35.99 ? 693 ARG A NH2 1 
ATOM   176 N N   . GLY A 1 26 ? -5.968  1.802   10.987  1.00 30.02 ? 694 GLY A N   1 
ATOM   177 C CA  . GLY A 1 26 ? -5.494  1.000   12.094  1.00 31.82 ? 694 GLY A CA  1 
ATOM   178 C C   . GLY A 1 26 ? -4.415  1.788   12.805  1.00 30.85 ? 694 GLY A C   1 
ATOM   179 O O   . GLY A 1 26 ? -3.956  2.815   12.302  1.00 32.65 ? 694 GLY A O   1 
ATOM   180 N N   . GLY A 1 27 ? -4.009  1.331   13.982  1.00 34.13 ? 695 GLY A N   1 
ATOM   181 C CA  . GLY A 1 27 ? -2.908  1.972   14.679  1.00 33.68 ? 695 GLY A CA  1 
ATOM   182 C C   . GLY A 1 27 ? -1.592  1.688   13.985  1.00 32.81 ? 695 GLY A C   1 
ATOM   183 O O   . GLY A 1 27 ? -1.541  0.862   13.070  1.00 30.12 ? 695 GLY A O   1 
ATOM   184 N N   . GLY A 1 28 ? -0.525  2.347   14.426  1.00 31.63 ? 696 GLY A N   1 
ATOM   185 C CA  . GLY A 1 28 ? 0.789   2.167   13.831  1.00 29.23 ? 696 GLY A CA  1 
ATOM   186 C C   . GLY A 1 28 ? 1.329   0.746   13.914  1.00 31.63 ? 696 GLY A C   1 
ATOM   187 O O   . GLY A 1 28 ? 2.203   0.363   13.131  1.00 33.53 ? 696 GLY A O   1 
ATOM   188 N N   . ASP A 1 29 ? 0.808   -0.048  14.847  1.00 33.56 ? 697 ASP A N   1 
ATOM   189 C CA  . ASP A 1 29 ? 1.289   -1.426  15.026  1.00 32.18 ? 697 ASP A CA  1 
ATOM   190 C C   . ASP A 1 29 ? 0.581   -2.428  14.111  1.00 25.07 ? 697 ASP A C   1 
ATOM   191 O O   . ASP A 1 29 ? 0.986   -3.581  13.998  1.00 22.78 ? 697 ASP A O   1 
ATOM   192 C CB  . ASP A 1 29 ? 1.136   -1.862  16.490  1.00 32.09 ? 697 ASP A CB  1 
ATOM   193 C CG  . ASP A 1 29 ? 2.266   -1.352  17.368  1.00 42.51 ? 697 ASP A CG  1 
ATOM   194 O OD1 . ASP A 1 29 ? 3.307   -0.934  16.807  1.00 39.29 ? 697 ASP A OD1 1 
ATOM   195 O OD2 . ASP A 1 29 ? 2.113   -1.379  18.612  1.00 50.74 ? 697 ASP A OD2 1 
ATOM   196 N N   . ASP A 1 30 ? -0.487  -1.993  13.462  1.00 24.38 ? 698 ASP A N   1 
ATOM   197 C CA  . ASP A 1 30 ? -1.212  -2.876  12.563  1.00 23.67 ? 698 ASP A CA  1 
ATOM   198 C C   . ASP A 1 30 ? -1.841  -2.040  11.460  1.00 22.57 ? 698 ASP A C   1 
ATOM   199 O O   . ASP A 1 30 ? -3.062  -2.080  11.263  1.00 19.96 ? 698 ASP A O   1 
ATOM   200 C CB  . ASP A 1 30 ? -2.274  -3.680  13.326  1.00 24.86 ? 698 ASP A CB  1 
ATOM   201 C CG  . ASP A 1 30 ? -2.645  -4.994  12.633  1.00 27.75 ? 698 ASP A CG  1 
ATOM   202 O OD1 . ASP A 1 30 ? -2.019  -5.350  11.610  1.00 26.83 ? 698 ASP A OD1 1 
ATOM   203 O OD2 . ASP A 1 30 ? -3.564  -5.684  13.124  1.00 32.13 ? 698 ASP A OD2 1 
ATOM   204 N N   . GLN A 1 31 ? -0.997  -1.293  10.745  1.00 23.75 ? 699 GLN A N   1 
ATOM   205 C CA  . GLN A 1 31 ? -1.471  -0.434  9.663   1.00 15.65 ? 699 GLN A CA  1 
ATOM   206 C C   . GLN A 1 31 ? -2.113  -1.254  8.557   1.00 16.34 ? 699 GLN A C   1 
ATOM   207 O O   . GLN A 1 31 ? -1.613  -2.315  8.163   1.00 15.69 ? 699 GLN A O   1 
ATOM   208 C CB  . GLN A 1 31 ? -0.341  0.416   9.067   1.00 17.04 ? 699 GLN A CB  1 
ATOM   209 C CG  . GLN A 1 31 ? 0.115   1.598   9.919   1.00 22.17 ? 699 GLN A CG  1 
ATOM   210 C CD  . GLN A 1 31 ? 1.038   2.550   9.162   1.00 20.86 ? 699 GLN A CD  1 
ATOM   211 O OE1 . GLN A 1 31 ? 1.919   2.121   8.410   1.00 24.29 ? 699 GLN A OE1 1 
ATOM   212 N NE2 . GLN A 1 31 ? 0.835   3.855   9.356   1.00 26.30 ? 699 GLN A NE2 1 
ATOM   213 N N   . GLU A 1 32 ? -3.237  -0.749  8.079   1.00 13.81 ? 700 GLU A N   1 
ATOM   214 C CA  . GLU A 1 32 ? -3.901  -1.289  6.914   1.00 12.68 ? 700 GLU A CA  1 
ATOM   215 C C   . GLU A 1 32 ? -3.788  -0.231  5.827   1.00 14.18 ? 700 GLU A C   1 
ATOM   216 O O   . GLU A 1 32 ? -4.059  0.941   6.074   1.00 16.66 ? 700 GLU A O   1 
ATOM   217 C CB  . GLU A 1 32 ? -5.356  -1.633  7.220   1.00 14.96 ? 700 GLU A CB  1 
ATOM   218 C CG  . GLU A 1 32 ? -6.056  -2.326  6.091   1.00 16.56 ? 700 GLU A CG  1 
ATOM   219 C CD  . GLU A 1 32 ? -7.486  -2.703  6.428   1.00 20.88 ? 700 GLU A CD  1 
ATOM   220 O OE1 . GLU A 1 32 ? -8.264  -1.807  6.820   1.00 28.25 ? 700 GLU A OE1 1 
ATOM   221 O OE2 . GLU A 1 32 ? -7.829  -3.897  6.293   1.00 22.48 ? 700 GLU A OE2 1 
ATOM   222 N N   . LEU A 1 33 ? -3.348  -0.635  4.640   1.00 9.17  ? 701 LEU A N   1 
ATOM   223 C CA  . LEU A 1 33 ? -3.120  0.305   3.537   1.00 8.84  ? 701 LEU A CA  1 
ATOM   224 C C   . LEU A 1 33 ? -4.109  0.094   2.414   1.00 9.14  ? 701 LEU A C   1 
ATOM   225 O O   . LEU A 1 33 ? -4.431  -1.048  2.082   1.00 10.28 ? 701 LEU A O   1 
ATOM   226 C CB  . LEU A 1 33 ? -1.713  0.139   2.968   1.00 10.68 ? 701 LEU A CB  1 
ATOM   227 C CG  . LEU A 1 33 ? -0.583  0.077   3.982   1.00 13.00 ? 701 LEU A CG  1 
ATOM   228 C CD1 . LEU A 1 33 ? 0.734   -0.124  3.262   1.00 13.30 ? 701 LEU A CD1 1 
ATOM   229 C CD2 . LEU A 1 33 ? -0.552  1.371   4.780   1.00 12.16 ? 701 LEU A CD2 1 
ATOM   230 N N   . ASP A 1 34 ? -4.597  1.185   1.834   1.00 8.91  ? 702 ASP A N   1 
ATOM   231 C CA  . ASP A 1 34 ? -5.215  1.125   0.510   1.00 9.83  ? 702 ASP A CA  1 
ATOM   232 C C   . ASP A 1 34 ? -4.200  1.651   -0.485  1.00 8.86  ? 702 ASP A C   1 
ATOM   233 O O   . ASP A 1 34 ? -3.745  2.789   -0.347  1.00 9.03  ? 702 ASP A O   1 
ATOM   234 C CB  . ASP A 1 34 ? -6.479  1.972   0.417   1.00 9.50  ? 702 ASP A CB  1 
ATOM   235 C CG  . ASP A 1 34 ? -7.619  1.419   1.220   1.00 14.06 ? 702 ASP A CG  1 
ATOM   236 O OD1 . ASP A 1 34 ? -7.566  0.234   1.589   1.00 15.02 ? 702 ASP A OD1 1 
ATOM   237 O OD2 . ASP A 1 34 ? -8.584  2.170   1.493   1.00 12.83 ? 702 ASP A OD2 1 
ATOM   238 N N   . ILE A 1 35 ? -3.834  0.834   -1.466  1.00 7.19  ? 703 ILE A N   1 
ATOM   239 C CA  . ILE A 1 35 ? -2.843  1.236   -2.444  1.00 7.41  ? 703 ILE A CA  1 
ATOM   240 C C   . ILE A 1 35 ? -3.470  1.222   -3.819  1.00 7.84  ? 703 ILE A C   1 
ATOM   241 O O   . ILE A 1 35 ? -4.039  0.210   -4.237  1.00 7.25  ? 703 ILE A O   1 
ATOM   242 C CB  . ILE A 1 35 ? -1.625  0.308   -2.432  1.00 6.09  ? 703 ILE A CB  1 
ATOM   243 C CG1 . ILE A 1 35 ? -1.066  0.195   -1.011  1.00 8.93  ? 703 ILE A CG1 1 
ATOM   244 C CG2 . ILE A 1 35 ? -0.560  0.838   -3.419  1.00 7.66  ? 703 ILE A CG2 1 
ATOM   245 C CD1 . ILE A 1 35 ? 0.107   -0.770  -0.895  1.00 10.51 ? 703 ILE A CD1 1 
ATOM   246 N N   . ALA A 1 36 ? -3.396  2.360   -4.511  1.00 7.71  ? 704 ALA A N   1 
ATOM   247 C CA  . ALA A 1 36 ? -3.954  2.472   -5.850  1.00 8.26  ? 704 ALA A CA  1 
ATOM   248 C C   . ALA A 1 36 ? -2.893  2.126   -6.872  1.00 9.17  ? 704 ALA A C   1 
ATOM   249 O O   . ALA A 1 36 ? -1.909  2.853   -7.036  1.00 8.71  ? 704 ALA A O   1 
ATOM   250 C CB  . ALA A 1 36 ? -4.490  3.879   -6.084  1.00 8.81  ? 704 ALA A CB  1 
ATOM   251 N N   . PHE A 1 37 ? -3.094  1.015   -7.569  1.00 9.50  ? 705 PHE A N   1 
ATOM   252 C CA  . PHE A 1 37 ? -2.210  0.625   -8.669  1.00 11.03 ? 705 PHE A CA  1 
ATOM   253 C C   . PHE A 1 37 ? -2.819  1.089   -9.986  1.00 12.99 ? 705 PHE A C   1 
ATOM   254 O O   . PHE A 1 37 ? -4.041  1.175   -10.116 1.00 14.01 ? 705 PHE A O   1 
ATOM   255 C CB  . PHE A 1 37 ? -1.988  -0.894  -8.657  1.00 11.78 ? 705 PHE A CB  1 
ATOM   256 C CG  . PHE A 1 37 ? -1.367  -1.402  -7.377  1.00 9.53  ? 705 PHE A CG  1 
ATOM   257 C CD1 . PHE A 1 37 ? 0.001   -1.319  -7.183  1.00 8.97  ? 705 PHE A CD1 1 
ATOM   258 C CD2 . PHE A 1 37 ? -2.148  -1.959  -6.364  1.00 9.30  ? 705 PHE A CD2 1 
ATOM   259 C CE1 . PHE A 1 37 ? 0.597   -1.775  -6.009  1.00 8.66  ? 705 PHE A CE1 1 
ATOM   260 C CE2 . PHE A 1 37 ? -1.570  -2.419  -5.188  1.00 9.53  ? 705 PHE A CE2 1 
ATOM   261 C CZ  . PHE A 1 37 ? -0.180  -2.323  -5.003  1.00 9.90  ? 705 PHE A CZ  1 
ATOM   262 N N   . PRO A 1 38 ? -1.972  1.420   -10.964 1.00 16.88 ? 706 PRO A N   1 
ATOM   263 C CA  . PRO A 1 38 ? -2.509  1.902   -12.240 1.00 17.22 ? 706 PRO A CA  1 
ATOM   264 C C   . PRO A 1 38 ? -3.452  0.900   -12.898 1.00 17.39 ? 706 PRO A C   1 
ATOM   265 O O   . PRO A 1 38 ? -3.402  -0.301  -12.632 1.00 15.53 ? 706 PRO A O   1 
ATOM   266 C CB  . PRO A 1 38 ? -1.252  2.106   -13.082 1.00 23.05 ? 706 PRO A CB  1 
ATOM   267 C CG  . PRO A 1 38 ? -0.208  2.468   -12.067 1.00 20.87 ? 706 PRO A CG  1 
ATOM   268 C CD  . PRO A 1 38 ? -0.508  1.556   -10.899 1.00 19.01 ? 706 PRO A CD  1 
ATOM   269 N N   . SER A 1 39 ? -4.337  1.417   -13.739 1.00 20.74 ? 707 SER A N   1 
ATOM   270 C CA  . SER A 1 39 ? -5.271  0.593   -14.488 1.00 18.55 ? 707 SER A CA  1 
ATOM   271 C C   . SER A 1 39 ? -4.560  -0.572  -15.173 1.00 16.80 ? 707 SER A C   1 
ATOM   272 O O   . SER A 1 39 ? -3.465  -0.401  -15.707 1.00 20.09 ? 707 SER A O   1 
ATOM   273 C CB  . SER A 1 39 ? -5.989  1.459   -15.518 1.00 21.92 ? 707 SER A CB  1 
ATOM   274 O OG  . SER A 1 39 ? -6.952  0.717   -16.228 1.00 24.34 ? 707 SER A OG  1 
ATOM   275 N N   . PRO A 1 40 ? -5.187  -1.757  -15.185 1.00 13.91 ? 708 PRO A N   1 
ATOM   276 C CA  . PRO A 1 40 ? -6.527  -2.051  -14.678 1.00 13.60 ? 708 PRO A CA  1 
ATOM   277 C C   . PRO A 1 40 ? -6.569  -2.623  -13.262 1.00 13.11 ? 708 PRO A C   1 
ATOM   278 O O   . PRO A 1 40 ? -7.589  -3.201  -12.900 1.00 14.15 ? 708 PRO A O   1 
ATOM   279 C CB  . PRO A 1 40 ? -7.025  -3.110  -15.660 1.00 14.58 ? 708 PRO A CB  1 
ATOM   280 C CG  . PRO A 1 40 ? -5.788  -3.908  -15.934 1.00 16.83 ? 708 PRO A CG  1 
ATOM   281 C CD  . PRO A 1 40 ? -4.659  -2.894  -15.965 1.00 16.68 ? 708 PRO A CD  1 
ATOM   282 N N   . ILE A 1 41 ? -5.503  -2.488  -12.479 1.00 12.20 ? 709 ILE A N   1 
ATOM   283 C CA  . ILE A 1 41 ? -5.470  -3.177  -11.188 1.00 11.18 ? 709 ILE A CA  1 
ATOM   284 C C   . ILE A 1 41 ? -6.369  -2.500  -10.149 1.00 11.04 ? 709 ILE A C   1 
ATOM   285 O O   . ILE A 1 41 ? -7.117  -3.170  -9.437  1.00 12.46 ? 709 ILE A O   1 
ATOM   286 C CB  . ILE A 1 41 ? -4.035  -3.277  -10.657 1.00 10.91 ? 709 ILE A CB  1 
ATOM   287 C CG1 . ILE A 1 41 ? -3.181  -4.057  -11.660 1.00 13.64 ? 709 ILE A CG1 1 
ATOM   288 C CG2 . ILE A 1 41 ? -4.005  -3.949  -9.284  1.00 11.09 ? 709 ILE A CG2 1 
ATOM   289 C CD1 . ILE A 1 41 ? -1.704  -4.062  -11.345 1.00 18.72 ? 709 ILE A CD1 1 
ATOM   290 N N   . GLY A 1 42 ? -6.303  -1.177  -10.068 1.00 11.77 ? 710 GLY A N   1 
ATOM   291 C CA  . GLY A 1 42 ? -7.148  -0.455  -9.138  1.00 10.04 ? 710 GLY A CA  1 
ATOM   292 C C   . GLY A 1 42 ? -6.610  -0.483  -7.724  1.00 9.11  ? 710 GLY A C   1 
ATOM   293 O O   . GLY A 1 42 ? -5.413  -0.724  -7.514  1.00 9.19  ? 710 GLY A O   1 
ATOM   294 N N   . ILE A 1 43 ? -7.492  -0.229  -6.761  1.00 8.24  ? 711 ILE A N   1 
ATOM   295 C CA  . ILE A 1 43 ? -7.111  -0.117  -5.352  1.00 7.71  ? 711 ILE A CA  1 
ATOM   296 C C   . ILE A 1 43 ? -7.170  -1.473  -4.652  1.00 8.48  ? 711 ILE A C   1 
ATOM   297 O O   . ILE A 1 43 ? -8.167  -2.220  -4.778  1.00 9.77  ? 711 ILE A O   1 
ATOM   298 C CB  . ILE A 1 43 ? -8.023  0.876   -4.615  1.00 8.57  ? 711 ILE A CB  1 
ATOM   299 C CG1 . ILE A 1 43 ? -7.963  2.257   -5.277  1.00 8.13  ? 711 ILE A CG1 1 
ATOM   300 C CG2 . ILE A 1 43 ? -7.657  0.965   -3.133  1.00 8.15  ? 711 ILE A CG2 1 
ATOM   301 C CD1 . ILE A 1 43 ? -9.028  3.197   -4.731  1.00 9.42  ? 711 ILE A CD1 1 
ATOM   302 N N   . LYS A 1 44 ? -6.099  -1.793  -3.937  1.00 7.28  ? 712 LYS A N   1 
ATOM   303 C CA  . LYS A 1 44 ? -6.046  -2.993  -3.112  1.00 8.23  ? 712 LYS A CA  1 
ATOM   304 C C   . LYS A 1 44 ? -5.884  -2.624  -1.654  1.00 8.69  ? 712 LYS A C   1 
ATOM   305 O O   . LYS A 1 44 ? -5.123  -1.704  -1.312  1.00 9.97  ? 712 LYS A O   1 
ATOM   306 C CB  . LYS A 1 44 ? -4.890  -3.912  -3.542  1.00 9.54  ? 712 LYS A CB  1 
ATOM   307 C CG  . LYS A 1 44 ? -4.954  -4.367  -4.993  1.00 8.21  ? 712 LYS A CG  1 
ATOM   308 C CD  . LYS A 1 44 ? -6.130  -5.299  -5.264  1.00 10.78 ? 712 LYS A CD  1 
ATOM   309 C CE  . LYS A 1 44 ? -6.099  -5.727  -6.722  1.00 12.50 ? 712 LYS A CE  1 
ATOM   310 N NZ  . LYS A 1 44 ? -7.240  -6.621  -7.028  1.00 16.80 ? 712 LYS A NZ  1 
ATOM   311 N N   . ARG A 1 45 ? -6.594  -3.345  -0.793  1.00 7.55  ? 713 ARG A N   1 
ATOM   312 C CA  . ARG A 1 45 ? -6.526  -3.122  0.650   1.00 9.61  ? 713 ARG A CA  1 
ATOM   313 C C   . ARG A 1 45 ? -5.790  -4.282  1.290   1.00 10.76 ? 713 ARG A C   1 
ATOM   314 O O   . ARG A 1 45 ? -6.144  -5.443  1.062   1.00 12.33 ? 713 ARG A O   1 
ATOM   315 C CB  . ARG A 1 45 ? -7.931  -2.977  1.240   1.00 8.12  ? 713 ARG A CB  1 
ATOM   316 C CG  . ARG A 1 45 ? -7.983  -2.886  2.754   1.00 10.27 ? 713 ARG A CG  1 
ATOM   317 C CD  . ARG A 1 45 ? -9.384  -2.470  3.210   1.00 11.59 ? 713 ARG A CD  1 
ATOM   318 N NE  . ARG A 1 45 ? -9.638  -1.101  2.781   1.00 9.52  ? 713 ARG A NE  1 
ATOM   319 C CZ  . ARG A 1 45 ? -10.786 -0.456  2.933   1.00 11.81 ? 713 ARG A CZ  1 
ATOM   320 N NH1 . ARG A 1 45 ? -10.891 0.793   2.506   1.00 11.03 ? 713 ARG A NH1 1 
ATOM   321 N NH2 . ARG A 1 45 ? -11.827 -1.060  3.499   1.00 10.46 ? 713 ARG A NH2 1 
ATOM   322 N N   . LEU A 1 46 ? -4.758  -3.964  2.062   1.00 9.28  ? 714 LEU A N   1 
ATOM   323 C CA  . LEU A 1 46 ? -3.890  -5.002  2.617   1.00 10.86 ? 714 LEU A CA  1 
ATOM   324 C C   . LEU A 1 46 ? -3.237  -4.569  3.922   1.00 12.83 ? 714 LEU A C   1 
ATOM   325 O O   . LEU A 1 46 ? -3.020  -3.383  4.169   1.00 12.35 ? 714 LEU A O   1 
ATOM   326 C CB  . LEU A 1 46 ? -2.814  -5.385  1.595   1.00 11.92 ? 714 LEU A CB  1 
ATOM   327 C CG  . LEU A 1 46 ? -1.977  -4.225  1.056   1.00 13.35 ? 714 LEU A CG  1 
ATOM   328 C CD1 . LEU A 1 46 ? -0.605  -4.167  1.686   1.00 21.69 ? 714 LEU A CD1 1 
ATOM   329 C CD2 . LEU A 1 46 ? -1.866  -4.352  -0.436  1.00 18.88 ? 714 LEU A CD2 1 
ATOM   330 N N   . LEU A 1 47 ? -2.923  -5.539  4.766   1.00 11.68 ? 715 LEU A N   1 
ATOM   331 C CA  . LEU A 1 47 ? -2.202  -5.223  5.983   1.00 12.38 ? 715 LEU A CA  1 
ATOM   332 C C   . LEU A 1 47 ? -0.746  -4.978  5.641   1.00 11.69 ? 715 LEU A C   1 
ATOM   333 O O   . LEU A 1 47 ? -0.151  -5.731  4.874   1.00 12.59 ? 715 LEU A O   1 
ATOM   334 C CB  . LEU A 1 47 ? -2.335  -6.351  7.001   1.00 14.02 ? 715 LEU A CB  1 
ATOM   335 C CG  . LEU A 1 47 ? -3.756  -6.523  7.538   1.00 15.63 ? 715 LEU A CG  1 
ATOM   336 C CD1 . LEU A 1 47 ? -3.785  -7.665  8.536   1.00 21.43 ? 715 LEU A CD1 1 
ATOM   337 C CD2 . LEU A 1 47 ? -4.257  -5.226  8.162   1.00 22.09 ? 715 LEU A CD2 1 
ATOM   338 N N   . ALA A 1 48 ? -0.160  -3.926  6.210   1.00 10.65 ? 716 ALA A N   1 
ATOM   339 C CA  . ALA A 1 48 ? 1.233   -3.610  5.931   1.00 10.60 ? 716 ALA A CA  1 
ATOM   340 C C   . ALA A 1 48 ? 2.183   -4.670  6.478   1.00 10.54 ? 716 ALA A C   1 
ATOM   341 O O   . ALA A 1 48 ? 3.231   -4.925  5.900   1.00 11.87 ? 716 ALA A O   1 
ATOM   342 C CB  . ALA A 1 48 ? 1.589   -2.255  6.506   1.00 16.63 ? 716 ALA A CB  1 
ATOM   343 N N   . LYS A 1 49 ? 1.797   -5.302  7.578   1.00 13.18 ? 717 LYS A N   1 
ATOM   344 C CA  . LYS A 1 49 ? 2.674   -6.309  8.154   1.00 14.06 ? 717 LYS A CA  1 
ATOM   345 C C   . LYS A 1 49 ? 2.706   -7.520  7.214   1.00 13.78 ? 717 LYS A C   1 
ATOM   346 O O   . LYS A 1 49 ? 1.671   -8.048  6.766   1.00 16.79 ? 717 LYS A O   1 
ATOM   347 C CB  . LYS A 1 49 ? 2.241   -6.697  9.570   1.00 15.34 ? 717 LYS A CB  1 
ATOM   348 C CG  . LYS A 1 49 ? 0.931   -7.417  9.649   1.00 14.42 ? 717 LYS A CG  1 
ATOM   349 C CD  . LYS A 1 49 ? 0.540   -7.690  11.093  1.00 18.11 ? 717 LYS A CD  1 
ATOM   350 C CE  . LYS A 1 49 ? -0.837  -8.347  11.151  1.00 22.01 ? 717 LYS A CE  1 
ATOM   351 N NZ  . LYS A 1 49 ? -1.371  -8.448  12.540  1.00 26.18 ? 717 LYS A NZ  1 
ATOM   352 N N   . PHE A 1 50 ? 3.920   -7.905  6.892   1.00 16.35 ? 718 PHE A N   1 
ATOM   353 C CA  . PHE A 1 50 ? 4.193   -9.011  5.981   1.00 13.11 ? 718 PHE A CA  1 
ATOM   354 C C   . PHE A 1 50 ? 3.708   -8.752  4.559   1.00 13.97 ? 718 PHE A C   1 
ATOM   355 O O   . PHE A 1 50 ? 3.645   -9.684  3.765   1.00 11.21 ? 718 PHE A O   1 
ATOM   356 C CB  . PHE A 1 50 ? 3.576   -10.326 6.496   1.00 11.73 ? 718 PHE A CB  1 
ATOM   357 C CG  . PHE A 1 50 ? 3.952   -10.644 7.913   1.00 14.16 ? 718 PHE A CG  1 
ATOM   358 C CD1 . PHE A 1 50 ? 5.259   -10.954 8.245   1.00 17.82 ? 718 PHE A CD1 1 
ATOM   359 C CD2 . PHE A 1 50 ? 3.003   -10.579 8.927   1.00 15.30 ? 718 PHE A CD2 1 
ATOM   360 C CE1 . PHE A 1 50 ? 5.611   -11.224 9.560   1.00 20.71 ? 718 PHE A CE1 1 
ATOM   361 C CE2 . PHE A 1 50 ? 3.354   -10.837 10.241  1.00 19.07 ? 718 PHE A CE2 1 
ATOM   362 C CZ  . PHE A 1 50 ? 4.654   -11.165 10.556  1.00 20.74 ? 718 PHE A CZ  1 
ATOM   363 N N   . ALA A 1 51 ? 3.368   -7.512  4.220   1.00 12.00 ? 719 ALA A N   1 
ATOM   364 C CA  . ALA A 1 51 ? 3.037   -7.215  2.824   1.00 11.67 ? 719 ALA A CA  1 
ATOM   365 C C   . ALA A 1 51 ? 4.320   -7.217  1.997   1.00 9.49  ? 719 ALA A C   1 
ATOM   366 O O   . ALA A 1 51 ? 5.361   -6.746  2.459   1.00 11.26 ? 719 ALA A O   1 
ATOM   367 C CB  . ALA A 1 51 ? 2.327   -5.879  2.707   1.00 12.47 ? 719 ALA A CB  1 
ATOM   368 N N   . PRO A 1 52 ? 4.259   -7.748  0.765   1.00 7.83  ? 720 PRO A N   1 
ATOM   369 C CA  . PRO A 1 52 ? 5.469   -7.784  -0.061  1.00 8.50  ? 720 PRO A CA  1 
ATOM   370 C C   . PRO A 1 52 ? 5.668   -6.441  -0.759  1.00 10.15 ? 720 PRO A C   1 
ATOM   371 O O   . PRO A 1 52 ? 5.610   -6.365  -1.988  1.00 8.79  ? 720 PRO A O   1 
ATOM   372 C CB  . PRO A 1 52 ? 5.165   -8.906  -1.059  1.00 8.66  ? 720 PRO A CB  1 
ATOM   373 C CG  . PRO A 1 52 ? 3.669   -8.791  -1.245  1.00 8.93  ? 720 PRO A CG  1 
ATOM   374 C CD  . PRO A 1 52 ? 3.131   -8.448  0.127   1.00 10.06 ? 720 PRO A CD  1 
ATOM   375 N N   . ILE A 1 53 ? 5.861   -5.393  0.042   1.00 11.06 ? 721 ILE A N   1 
ATOM   376 C CA  . ILE A 1 53 ? 5.988   -4.031  -0.467  1.00 9.96  ? 721 ILE A CA  1 
ATOM   377 C C   . ILE A 1 53 ? 7.247   -3.358  0.057   1.00 11.22 ? 721 ILE A C   1 
ATOM   378 O O   . ILE A 1 53 ? 7.687   -3.604  1.187   1.00 12.42 ? 721 ILE A O   1 
ATOM   379 C CB  . ILE A 1 53 ? 4.759   -3.160  -0.093  1.00 10.25 ? 721 ILE A CB  1 
ATOM   380 C CG1 . ILE A 1 53 ? 4.541   -3.151  1.424   1.00 11.69 ? 721 ILE A CG1 1 
ATOM   381 C CG2 . ILE A 1 53 ? 3.512   -3.672  -0.795  1.00 10.95 ? 721 ILE A CG2 1 
ATOM   382 C CD1 . ILE A 1 53 ? 3.325   -2.350  1.884   1.00 14.31 ? 721 ILE A CD1 1 
ATOM   383 N N   . GLU A 1 54 ? 7.823   -2.511  -0.783  1.00 11.13 ? 722 GLU A N   1 
ATOM   384 C CA  . GLU A 1 54 ? 8.948   -1.683  -0.387  1.00 14.54 ? 722 GLU A CA  1 
ATOM   385 C C   . GLU A 1 54 ? 8.621   -0.242  -0.757  1.00 13.83 ? 722 GLU A C   1 
ATOM   386 O O   . GLU A 1 54 ? 8.031   0.013   -1.800  1.00 12.33 ? 722 GLU A O   1 
ATOM   387 C CB  . GLU A 1 54 ? 10.227  -2.157  -1.069  1.00 18.26 ? 722 GLU A CB  1 
ATOM   388 C CG  . GLU A 1 54 ? 11.470  -1.383  -0.675  1.00 25.63 ? 722 GLU A CG  1 
ATOM   389 C CD  . GLU A 1 54 ? 12.727  -1.926  -1.335  1.00 37.06 ? 722 GLU A CD  1 
ATOM   390 O OE1 . GLU A 1 54 ? 12.624  -2.891  -2.128  1.00 38.02 ? 722 GLU A OE1 1 
ATOM   391 O OE2 . GLU A 1 54 ? 13.820  -1.381  -1.059  1.00 41.88 ? 722 GLU A OE2 1 
ATOM   392 N N   . LYS A 1 55 ? 9.003   0.698   0.096   1.00 13.89 ? 723 LYS A N   1 
ATOM   393 C CA  . LYS A 1 55 ? 8.709   2.094   -0.181  1.00 14.29 ? 723 LYS A CA  1 
ATOM   394 C C   . LYS A 1 55 ? 9.542   2.627   -1.346  1.00 19.01 ? 723 LYS A C   1 
ATOM   395 O O   . LYS A 1 55 ? 10.741  2.328   -1.475  1.00 20.98 ? 723 LYS A O   1 
ATOM   396 C CB  . LYS A 1 55 ? 8.919   2.954   1.070   1.00 16.28 ? 723 LYS A CB  1 
ATOM   397 C CG  . LYS A 1 55 ? 8.423   4.387   0.890   1.00 21.01 ? 723 LYS A CG  1 
ATOM   398 C CD  . LYS A 1 55 ? 8.486   5.208   2.174   1.00 20.83 ? 723 LYS A CD  1 
ATOM   399 C CE  . LYS A 1 55 ? 7.509   4.714   3.223   1.00 21.28 ? 723 LYS A CE  1 
ATOM   400 N NZ  . LYS A 1 55 ? 7.208   5.766   4.244   1.00 25.23 ? 723 LYS A NZ  1 
ATOM   401 N N   . VAL A 1 56 ? 8.852   3.398   -2.183  1.00 18.92 ? 724 VAL A N   1 
ATOM   402 C CA  . VAL A 1 56 ? 9.331   4.040   -3.409  1.00 23.65 ? 724 VAL A CA  1 
ATOM   403 C C   . VAL A 1 56 ? 9.605   3.025   -4.495  1.00 26.60 ? 724 VAL A C   1 
ATOM   404 O O   . VAL A 1 56 ? 8.659   2.614   -5.180  1.00 27.61 ? 724 VAL A O   1 
ATOM   405 C CB  . VAL A 1 56 ? 10.561  4.907   -3.152  1.00 26.65 ? 724 VAL A CB  1 
ATOM   406 C CG1 . VAL A 1 56 ? 11.117  5.436   -4.456  1.00 29.69 ? 724 VAL A CG1 1 
ATOM   407 C CG2 . VAL A 1 56 ? 10.170  6.047   -2.247  1.00 28.20 ? 724 VAL A CG2 1 
HETATM 408 O O   . HOH B 2 .  ? -10.759 3.994   4.326   1.00 30.48 ? 801 HOH A O   1 
HETATM 409 O O   . HOH B 2 .  ? 3.390   9.767   -4.661  1.00 18.43 ? 802 HOH A O   1 
HETATM 410 O O   . HOH B 2 .  ? 0.838   10.885  9.304   1.00 30.98 ? 803 HOH A O   1 
HETATM 411 O O   . HOH B 2 .  ? 1.344   -1.263  -10.987 1.00 20.84 ? 804 HOH A O   1 
HETATM 412 O O   . HOH B 2 .  ? 6.414   7.101   11.431  1.00 41.81 ? 805 HOH A O   1 
HETATM 413 O O   . HOH B 2 .  ? -10.758 -1.048  7.101   1.00 30.75 ? 806 HOH A O   1 
HETATM 414 O O   . HOH B 2 .  ? -5.996  2.795   -9.405  1.00 25.49 ? 807 HOH A O   1 
HETATM 415 O O   . HOH B 2 .  ? 2.583   6.713   9.547   1.00 30.27 ? 808 HOH A O   1 
HETATM 416 O O   . HOH B 2 .  ? -6.635  -5.966  5.129   1.00 24.53 ? 809 HOH A O   1 
HETATM 417 O O   . HOH B 2 .  ? -0.401  -8.444  -0.936  1.00 15.59 ? 810 HOH A O   1 
HETATM 418 O O   . HOH B 2 .  ? 0.230   -8.285  4.187   1.00 17.11 ? 811 HOH A O   1 
HETATM 419 O O   . HOH B 2 .  ? -8.797  -3.463  -7.355  1.00 18.76 ? 812 HOH A O   1 
HETATM 420 O O   . HOH B 2 .  ? -9.998  -4.044  -5.558  1.00 19.75 ? 813 HOH A O   1 
HETATM 421 O O   . HOH B 2 .  ? 6.579   9.229   3.843   1.00 19.68 ? 814 HOH A O   1 
HETATM 422 O O   . HOH B 2 .  ? -7.636  -6.922  2.775   1.00 23.19 ? 815 HOH A O   1 
HETATM 423 O O   . HOH B 2 .  ? 7.428   -8.286  -9.357  1.00 36.33 ? 816 HOH A O   1 
HETATM 424 O O   . HOH B 2 .  ? 7.529   -3.098  3.853   1.00 27.20 ? 817 HOH A O   1 
HETATM 425 O O   . HOH B 2 .  ? -4.443  7.817   8.785   1.00 50.14 ? 818 HOH A O   1 
HETATM 426 O O   . HOH B 2 .  ? -3.884  -9.358  11.923  1.00 33.03 ? 819 HOH A O   1 
HETATM 427 O O   . HOH B 2 .  ? 4.287   9.103   12.130  1.00 32.15 ? 820 HOH A O   1 
HETATM 428 O O   . HOH B 2 .  ? 6.658   -6.166  4.815   1.00 20.99 ? 821 HOH A O   1 
HETATM 429 O O   . HOH B 2 .  ? -0.330  -4.384  9.468   1.00 15.16 ? 822 HOH A O   1 
HETATM 430 O O   . HOH B 2 .  ? 1.237   5.022   -8.479  1.00 20.67 ? 823 HOH A O   1 
HETATM 431 O O   . HOH B 2 .  ? -7.467  -5.894  -9.920  1.00 22.54 ? 824 HOH A O   1 
HETATM 432 O O   . HOH B 2 .  ? -9.215  -5.445  -13.228 1.00 27.36 ? 825 HOH A O   1 
HETATM 433 O O   . HOH B 2 .  ? 3.235   -0.259  9.109   1.00 27.54 ? 826 HOH A O   1 
HETATM 434 O O   . HOH B 2 .  ? -1.046  -14.019 -5.016  1.00 12.47 ? 827 HOH A O   1 
HETATM 435 O O   . HOH B 2 .  ? 1.848   9.097   -7.133  1.00 15.92 ? 828 HOH A O   1 
HETATM 436 O O   . HOH B 2 .  ? -4.659  -9.472  -8.751  1.00 21.73 ? 829 HOH A O   1 
HETATM 437 O O   . HOH B 2 .  ? 8.739   -5.200  -3.184  1.00 16.63 ? 830 HOH A O   1 
HETATM 438 O O   . HOH B 2 .  ? 4.958   -2.766  5.257   1.00 19.09 ? 831 HOH A O   1 
HETATM 439 O O   . HOH B 2 .  ? 3.236   -9.909  -11.134 1.00 11.19 ? 832 HOH A O   1 
HETATM 440 O O   . HOH B 2 .  ? -0.224  7.816   7.776   1.00 27.23 ? 833 HOH A O   1 
HETATM 441 O O   . HOH B 2 .  ? -12.056 -3.432  5.131   1.00 19.30 ? 834 HOH A O   1 
HETATM 442 O O   . HOH B 2 .  ? 5.013   -0.921  -11.668 1.00 21.36 ? 835 HOH A O   1 
HETATM 443 O O   . HOH B 2 .  ? 2.952   3.016   -11.163 1.00 26.42 ? 836 HOH A O   1 
HETATM 444 O O   . HOH B 2 .  ? 7.324   6.843   -1.289  1.00 21.58 ? 837 HOH A O   1 
HETATM 445 O O   . HOH B 2 .  ? -3.616  -8.262  3.913   1.00 17.43 ? 838 HOH A O   1 
HETATM 446 O O   . HOH B 2 .  ? -0.135  -10.318 7.278   1.00 19.50 ? 839 HOH A O   1 
HETATM 447 O O   . HOH B 2 .  ? 10.441  -0.224  2.505   1.00 22.75 ? 840 HOH A O   1 
HETATM 448 O O   . HOH B 2 .  ? 6.966   -5.611  -8.728  1.00 21.15 ? 841 HOH A O   1 
HETATM 449 O O   . HOH B 2 .  ? -1.623  4.498   10.961  1.00 29.25 ? 842 HOH A O   1 
HETATM 450 O O   . HOH B 2 .  ? -10.001 -5.440  4.860   1.00 24.00 ? 843 HOH A O   1 
HETATM 451 O O   . HOH B 2 .  ? -5.718  7.901   5.425   1.00 18.44 ? 844 HOH A O   1 
HETATM 452 O O   . HOH B 2 .  ? 10.137  -12.668 -11.070 1.00 25.91 ? 845 HOH A O   1 
HETATM 453 O O   . HOH B 2 .  ? 10.961  -4.965  -3.615  1.00 40.56 ? 846 HOH A O   1 
HETATM 454 O O   . HOH B 2 .  ? 6.151   -2.032  16.831  1.00 37.11 ? 847 HOH A O   1 
HETATM 455 O O   . HOH B 2 .  ? 0.754   -10.327 13.711  1.00 28.62 ? 848 HOH A O   1 
HETATM 456 O O   . HOH B 2 .  ? -8.033  -1.534  9.873   1.00 28.41 ? 849 HOH A O   1 
HETATM 457 O O   . HOH B 2 .  ? 2.973   5.307   -10.274 1.00 27.39 ? 850 HOH A O   1 
HETATM 458 O O   . HOH B 2 .  ? 6.054   9.478   -2.836  1.00 35.97 ? 851 HOH A O   1 
HETATM 459 O O   . HOH B 2 .  ? -4.073  -14.303 -6.865  1.00 26.66 ? 852 HOH A O   1 
HETATM 460 O O   . HOH B 2 .  ? -12.986 3.219   2.672   1.00 21.37 ? 853 HOH A O   1 
HETATM 461 O O   . HOH B 2 .  ? -4.860  4.637   -13.695 1.00 38.77 ? 854 HOH A O   1 
HETATM 462 O O   . HOH B 2 .  ? 3.212   10.338  13.237  1.00 48.66 ? 855 HOH A O   1 
HETATM 463 O O   . HOH B 2 .  ? -10.271 0.912   -8.739  1.00 16.29 ? 856 HOH A O   1 
HETATM 464 O O   . HOH B 2 .  ? 6.004   -9.256  -11.410 1.00 28.73 ? 857 HOH A O   1 
HETATM 465 O O   . HOH B 2 .  ? -3.191  -11.099 10.780  1.00 35.19 ? 858 HOH A O   1 
HETATM 466 O O   . HOH B 2 .  ? 5.787   -2.040  7.358   1.00 35.80 ? 859 HOH A O   1 
HETATM 467 O O   . HOH B 2 .  ? 0.254   -11.611 11.486  1.00 23.19 ? 860 HOH A O   1 
HETATM 468 O O   . HOH B 2 .  ? 4.475   -3.477  9.601   1.00 37.09 ? 861 HOH A O   1 
HETATM 469 O O   . HOH B 2 .  ? -1.269  -11.243 9.480   1.00 23.72 ? 862 HOH A O   1 
HETATM 470 O O   . HOH B 2 .  ? -7.332  -8.067  6.939   1.00 31.06 ? 863 HOH A O   1 
HETATM 471 O O   . HOH B 2 .  ? -9.740  -0.153  10.778  1.00 40.80 ? 864 HOH A O   1 
HETATM 472 O O   . HOH B 2 .  ? 0.421   10.823  13.088  1.00 45.05 ? 865 HOH A O   1 
# 
